data_1JEH
#
_entry.id   1JEH
#
_cell.length_a   97.100
_cell.length_b   158.700
_cell.length_c   67.900
_cell.angle_alpha   90.00
_cell.angle_beta   90.00
_cell.angle_gamma   90.00
#
_symmetry.space_group_name_H-M   'P 21 21 21'
#
loop_
_entity.id
_entity.type
_entity.pdbx_description
1 polymer 'DIHYDROLIPOAMIDE DEHYDROGENASE'
2 non-polymer 'FLAVIN-ADENINE DINUCLEOTIDE'
3 water water
#
_entity_poly.entity_id   1
_entity_poly.type   'polypeptide(L)'
_entity_poly.pdbx_seq_one_letter_code
;TINKSHDVVIIGGGPAGYVAAIKAAQLGFNTACVEKRGKLGGTCLNVGCIPSKALLNNSHLFHQMHTEAQKRGIDVNGDI
KINVANFQKAKDDAVKQLTGGIELLFKKNKVTYYKGNGSFEDETKIRVTPVDGLEGTVKEDHILDVKNIIVATGSEVTPF
PGIEIDEEKIVSSTGALSLKEIPKRLTIIGGGIIGLEMGSVYSRLGSKVTVVEFQPQIGASMDGEVAKATQKFLKKQGLD
FKLSTKVISAKRNDDKNVVEIVVEDTKTNKQENLEAEVLLVAVGRRPYIAGLGAEKIGLEVDKRGRLVIDDQFNSKFPHI
KVVGDVTFGPMLAHKAEEEGIAAVEMLKTGHGHVNYNNIPSVMYSHPEVAWVGKTEEQLKEAGIDYKIGKFPFAANSRAK
TNQDTEGFVKILIDSKTERILGAHIIGPNAGEMIAEAGLALEYGASAEDVARVCHAHPTLSEAFKEANMAAYDKAIHC
;
_entity_poly.pdbx_strand_id   A,B
#
# COMPACT_ATOMS: atom_id res chain seq x y z
N THR A 1 20.41 -47.29 -3.13
CA THR A 1 21.40 -46.64 -3.98
C THR A 1 20.99 -46.65 -5.45
N ILE A 2 20.50 -45.49 -5.89
CA ILE A 2 20.07 -45.27 -7.28
C ILE A 2 20.57 -43.90 -7.74
N ASN A 3 21.30 -43.97 -8.85
CA ASN A 3 21.99 -42.81 -9.40
C ASN A 3 21.34 -42.12 -10.59
N LYS A 4 21.19 -40.80 -10.45
CA LYS A 4 20.62 -39.93 -11.49
C LYS A 4 21.41 -38.64 -11.60
N SER A 5 21.34 -37.98 -12.77
CA SER A 5 22.10 -36.76 -12.99
C SER A 5 21.26 -35.54 -13.34
N HIS A 6 21.71 -34.37 -12.84
CA HIS A 6 21.05 -33.09 -13.10
C HIS A 6 22.07 -31.98 -13.33
N ASP A 7 21.66 -30.87 -13.98
CA ASP A 7 22.55 -29.72 -14.15
C ASP A 7 22.79 -29.00 -12.84
N VAL A 8 21.68 -28.85 -12.11
CA VAL A 8 21.64 -28.19 -10.82
C VAL A 8 20.78 -28.92 -9.81
N VAL A 9 21.32 -29.01 -8.60
CA VAL A 9 20.59 -29.54 -7.46
C VAL A 9 20.62 -28.46 -6.39
N ILE A 10 19.43 -28.12 -5.92
CA ILE A 10 19.24 -27.16 -4.87
C ILE A 10 18.84 -28.02 -3.68
N ILE A 11 19.65 -27.96 -2.63
CA ILE A 11 19.46 -28.65 -1.33
C ILE A 11 18.85 -27.59 -0.40
N GLY A 12 17.53 -27.70 -0.33
CA GLY A 12 16.69 -26.78 0.43
C GLY A 12 15.63 -26.17 -0.48
N GLY A 13 14.38 -26.16 -0.01
CA GLY A 13 13.27 -25.63 -0.79
C GLY A 13 12.66 -24.34 -0.22
N GLY A 14 13.44 -23.53 0.50
CA GLY A 14 12.96 -22.26 1.03
C GLY A 14 12.96 -21.17 -0.03
N PRO A 15 12.70 -19.91 0.29
CA PRO A 15 12.79 -18.75 -0.62
C PRO A 15 14.01 -18.67 -1.52
N ALA A 16 15.18 -19.11 -1.03
CA ALA A 16 16.38 -19.17 -1.85
C ALA A 16 16.34 -20.43 -2.73
N GLY A 17 15.82 -21.51 -2.14
CA GLY A 17 15.76 -22.81 -2.78
C GLY A 17 14.75 -22.99 -3.89
N TYR A 18 13.45 -22.86 -3.60
CA TYR A 18 12.43 -23.09 -4.61
C TYR A 18 12.49 -22.08 -5.75
N VAL A 19 12.95 -20.87 -5.43
CA VAL A 19 13.11 -19.79 -6.39
C VAL A 19 14.30 -20.06 -7.33
N ALA A 20 15.43 -20.51 -6.78
CA ALA A 20 16.59 -20.88 -7.57
C ALA A 20 16.27 -22.02 -8.52
N ALA A 21 15.48 -23.00 -8.02
CA ALA A 21 15.03 -24.14 -8.80
C ALA A 21 14.09 -23.79 -9.93
N ILE A 22 13.17 -22.86 -9.74
CA ILE A 22 12.26 -22.44 -10.81
C ILE A 22 13.01 -21.62 -11.86
N LYS A 23 13.91 -20.72 -11.44
CA LYS A 23 14.66 -19.88 -12.36
C LYS A 23 15.61 -20.71 -13.22
N ALA A 24 16.17 -21.79 -12.66
CA ALA A 24 17.07 -22.67 -13.39
C ALA A 24 16.32 -23.47 -14.46
N ALA A 25 15.11 -23.91 -14.13
CA ALA A 25 14.27 -24.63 -15.06
C ALA A 25 13.84 -23.73 -16.22
N GLN A 26 13.67 -22.44 -15.92
CA GLN A 26 13.33 -21.43 -16.91
C GLN A 26 14.54 -21.07 -17.76
N LEU A 27 15.74 -21.32 -17.22
CA LEU A 27 16.97 -21.03 -17.93
C LEU A 27 17.54 -22.22 -18.70
N GLY A 28 16.71 -23.24 -18.98
CA GLY A 28 17.12 -24.40 -19.76
C GLY A 28 17.65 -25.59 -18.97
N PHE A 29 18.17 -25.36 -17.76
CA PHE A 29 18.75 -26.41 -16.93
C PHE A 29 17.78 -27.49 -16.51
N ASN A 30 18.39 -28.64 -16.21
CA ASN A 30 17.69 -29.78 -15.63
C ASN A 30 17.94 -29.60 -14.15
N THR A 31 16.84 -29.28 -13.48
CA THR A 31 16.94 -28.93 -12.08
C THR A 31 16.33 -29.95 -11.14
N ALA A 32 16.98 -30.02 -9.99
CA ALA A 32 16.60 -30.79 -8.84
C ALA A 32 16.48 -29.99 -7.56
N CYS A 33 15.50 -30.25 -6.70
CA CYS A 33 15.34 -29.58 -5.42
C CYS A 33 15.06 -30.63 -4.35
N VAL A 34 16.00 -30.72 -3.42
CA VAL A 34 15.97 -31.69 -2.35
C VAL A 34 15.48 -31.03 -1.07
N GLU A 35 14.25 -31.36 -0.68
CA GLU A 35 13.70 -30.84 0.55
C GLU A 35 13.38 -31.94 1.56
N LYS A 36 13.94 -31.69 2.74
CA LYS A 36 13.81 -32.54 3.92
C LYS A 36 12.41 -32.63 4.53
N ARG A 37 11.75 -31.49 4.83
CA ARG A 37 10.42 -31.49 5.42
C ARG A 37 9.32 -31.82 4.40
N GLY A 38 8.13 -32.26 4.79
CA GLY A 38 7.09 -32.66 3.84
C GLY A 38 6.51 -31.60 2.87
N LYS A 39 6.80 -30.32 3.12
CA LYS A 39 6.30 -29.22 2.29
C LYS A 39 7.45 -28.34 1.85
N LEU A 40 7.15 -27.54 0.83
CA LEU A 40 8.11 -26.59 0.31
C LEU A 40 7.88 -25.20 0.89
N GLY A 41 8.66 -24.24 0.43
CA GLY A 41 8.58 -22.88 0.95
C GLY A 41 9.52 -22.67 2.11
N GLY A 42 10.01 -23.74 2.74
CA GLY A 42 10.96 -23.64 3.82
C GLY A 42 10.39 -23.04 5.08
N THR A 43 11.26 -22.31 5.81
CA THR A 43 10.86 -21.64 7.03
C THR A 43 9.80 -20.59 6.73
N CYS A 44 10.00 -19.72 5.73
CA CYS A 44 9.05 -18.66 5.41
C CYS A 44 7.61 -19.08 5.17
N LEU A 45 7.34 -20.14 4.39
CA LEU A 45 5.95 -20.53 4.17
C LEU A 45 5.35 -21.48 5.18
N ASN A 46 6.12 -22.02 6.14
CA ASN A 46 5.58 -22.98 7.09
C ASN A 46 5.70 -22.62 8.56
N VAL A 47 6.83 -21.97 8.85
CA VAL A 47 7.23 -21.58 10.19
C VAL A 47 7.54 -20.09 10.32
N GLY A 48 7.43 -19.37 9.20
CA GLY A 48 7.84 -17.98 9.17
C GLY A 48 6.82 -16.99 8.65
N CYS A 49 7.22 -16.33 7.55
CA CYS A 49 6.49 -15.26 6.90
C CYS A 49 4.99 -15.40 6.79
N ILE A 50 4.52 -16.42 6.08
CA ILE A 50 3.11 -16.64 5.87
C ILE A 50 2.36 -16.96 7.16
N PRO A 51 2.75 -17.85 8.10
CA PRO A 51 2.08 -18.06 9.38
C PRO A 51 1.91 -16.83 10.27
N SER A 52 3.01 -16.11 10.47
CA SER A 52 3.01 -14.91 11.30
C SER A 52 2.18 -13.78 10.74
N LYS A 53 2.23 -13.55 9.42
CA LYS A 53 1.47 -12.50 8.77
C LYS A 53 -0.03 -12.77 8.66
N ALA A 54 -0.42 -14.04 8.65
CA ALA A 54 -1.83 -14.42 8.64
C ALA A 54 -2.41 -14.15 10.02
N LEU A 55 -1.60 -14.45 11.05
CA LEU A 55 -1.96 -14.23 12.44
C LEU A 55 -2.04 -12.75 12.75
N LEU A 56 -1.12 -11.99 12.16
CA LEU A 56 -0.99 -10.55 12.33
C LEU A 56 -2.11 -9.73 11.72
N ASN A 57 -2.63 -10.20 10.57
CA ASN A 57 -3.70 -9.50 9.90
C ASN A 57 -5.05 -9.77 10.56
N ASN A 58 -5.27 -11.03 10.94
CA ASN A 58 -6.50 -11.42 11.59
C ASN A 58 -6.62 -10.91 13.01
N SER A 59 -5.48 -10.75 13.69
CA SER A 59 -5.46 -10.19 15.04
C SER A 59 -5.76 -8.69 15.03
N HIS A 60 -5.39 -8.05 13.91
CA HIS A 60 -5.66 -6.63 13.73
C HIS A 60 -7.12 -6.42 13.39
N LEU A 61 -7.80 -7.38 12.73
CA LEU A 61 -9.22 -7.25 12.47
C LEU A 61 -9.98 -7.47 13.76
N PHE A 62 -9.53 -8.36 14.67
CA PHE A 62 -10.14 -8.53 15.98
C PHE A 62 -9.93 -7.26 16.80
N HIS A 63 -8.74 -6.68 16.68
CA HIS A 63 -8.38 -5.46 17.37
C HIS A 63 -9.18 -4.24 16.87
N GLN A 64 -9.46 -4.14 15.56
CA GLN A 64 -10.25 -3.04 15.02
C GLN A 64 -11.71 -3.19 15.35
N MET A 65 -12.20 -4.43 15.43
CA MET A 65 -13.58 -4.67 15.83
C MET A 65 -13.83 -4.42 17.31
N HIS A 66 -12.77 -4.49 18.12
CA HIS A 66 -12.86 -4.22 19.54
C HIS A 66 -12.65 -2.76 19.90
N THR A 67 -11.84 -2.06 19.10
CA THR A 67 -11.47 -0.70 19.41
C THR A 67 -12.03 0.34 18.44
N GLU A 68 -11.78 0.15 17.15
CA GLU A 68 -12.18 1.11 16.13
C GLU A 68 -13.62 1.08 15.66
N ALA A 69 -14.29 -0.07 15.66
CA ALA A 69 -15.64 -0.23 15.12
C ALA A 69 -16.68 0.81 15.50
N GLN A 70 -16.80 1.11 16.81
CA GLN A 70 -17.75 2.09 17.32
C GLN A 70 -17.49 3.46 16.68
N LYS A 71 -16.21 3.88 16.68
CA LYS A 71 -15.80 5.15 16.08
C LYS A 71 -15.97 5.21 14.57
N ARG A 72 -15.96 4.06 13.88
CA ARG A 72 -16.15 4.02 12.45
C ARG A 72 -17.62 3.91 12.06
N GLY A 73 -18.50 3.95 13.08
CA GLY A 73 -19.94 3.96 12.89
C GLY A 73 -20.58 2.61 12.75
N ILE A 74 -19.88 1.57 13.24
CA ILE A 74 -20.33 0.19 13.14
C ILE A 74 -20.60 -0.33 14.54
N ASP A 75 -21.85 -0.63 14.84
CA ASP A 75 -22.22 -1.16 16.15
C ASP A 75 -22.30 -2.66 16.23
N VAL A 76 -21.38 -3.19 17.05
CA VAL A 76 -21.37 -4.61 17.33
C VAL A 76 -22.09 -4.79 18.67
N ASN A 77 -23.32 -5.29 18.51
CA ASN A 77 -24.23 -5.47 19.63
C ASN A 77 -24.06 -6.83 20.31
N GLY A 78 -23.06 -6.91 21.19
CA GLY A 78 -22.78 -8.13 21.93
C GLY A 78 -21.30 -8.37 22.11
N ASP A 79 -20.96 -9.63 22.42
CA ASP A 79 -19.58 -10.01 22.60
C ASP A 79 -18.85 -10.24 21.29
N ILE A 80 -17.54 -10.08 21.41
CA ILE A 80 -16.63 -10.38 20.32
C ILE A 80 -15.40 -11.02 20.98
N LYS A 81 -15.38 -12.33 20.77
CA LYS A 81 -14.30 -13.16 21.25
C LYS A 81 -13.71 -13.96 20.10
N ILE A 82 -12.41 -14.26 20.21
CA ILE A 82 -11.73 -14.99 19.16
C ILE A 82 -11.76 -16.50 19.37
N ASN A 83 -12.15 -17.16 18.27
CA ASN A 83 -12.16 -18.61 18.19
C ASN A 83 -10.77 -18.98 17.72
N VAL A 84 -9.97 -19.43 18.70
CA VAL A 84 -8.56 -19.77 18.50
C VAL A 84 -8.40 -20.88 17.46
N ALA A 85 -9.35 -21.83 17.43
CA ALA A 85 -9.32 -22.93 16.48
C ALA A 85 -9.44 -22.49 15.04
N ASN A 86 -10.41 -21.62 14.72
CA ASN A 86 -10.58 -21.13 13.36
C ASN A 86 -9.60 -20.03 13.01
N PHE A 87 -9.02 -19.41 14.04
CA PHE A 87 -7.99 -18.39 13.89
C PHE A 87 -6.78 -19.14 13.36
N GLN A 88 -6.54 -20.32 13.95
CA GLN A 88 -5.45 -21.15 13.48
C GLN A 88 -5.74 -21.76 12.13
N LYS A 89 -7.00 -22.13 11.83
CA LYS A 89 -7.37 -22.71 10.53
C LYS A 89 -7.27 -21.73 9.37
N ALA A 90 -7.47 -20.43 9.62
CA ALA A 90 -7.33 -19.41 8.60
C ALA A 90 -5.87 -19.25 8.15
N LYS A 91 -4.99 -19.42 9.13
CA LYS A 91 -3.54 -19.38 8.95
C LYS A 91 -3.04 -20.66 8.29
N ASP A 92 -3.50 -21.82 8.76
CA ASP A 92 -3.09 -23.12 8.26
C ASP A 92 -3.49 -23.35 6.81
N ASP A 93 -4.68 -22.88 6.42
CA ASP A 93 -5.15 -23.03 5.04
C ASP A 93 -4.40 -22.11 4.10
N ALA A 94 -3.87 -20.98 4.59
CA ALA A 94 -3.07 -20.08 3.75
C ALA A 94 -1.71 -20.72 3.49
N VAL A 95 -1.15 -21.35 4.53
CA VAL A 95 0.11 -22.08 4.45
C VAL A 95 -0.08 -23.24 3.49
N LYS A 96 -1.20 -23.95 3.63
CA LYS A 96 -1.54 -25.13 2.83
C LYS A 96 -1.70 -24.80 1.35
N GLN A 97 -2.27 -23.64 1.03
CA GLN A 97 -2.46 -23.23 -0.35
C GLN A 97 -1.20 -22.71 -0.99
N LEU A 98 -0.36 -21.98 -0.23
CA LEU A 98 0.89 -21.48 -0.76
C LEU A 98 1.94 -22.57 -0.98
N THR A 99 2.09 -23.51 -0.04
CA THR A 99 3.04 -24.61 -0.16
C THR A 99 2.59 -25.58 -1.25
N GLY A 100 1.27 -25.76 -1.38
CA GLY A 100 0.70 -26.61 -2.43
C GLY A 100 0.82 -25.98 -3.81
N GLY A 101 1.00 -24.65 -3.84
CA GLY A 101 1.18 -23.89 -5.06
C GLY A 101 2.63 -23.93 -5.53
N ILE A 102 3.61 -24.08 -4.62
CA ILE A 102 5.02 -24.17 -4.97
C ILE A 102 5.30 -25.53 -5.62
N GLU A 103 4.66 -26.59 -5.10
CA GLU A 103 4.77 -27.92 -5.67
C GLU A 103 4.17 -27.95 -7.07
N LEU A 104 3.11 -27.17 -7.31
CA LEU A 104 2.48 -27.08 -8.62
C LEU A 104 3.34 -26.28 -9.59
N LEU A 105 4.08 -25.29 -9.07
CA LEU A 105 4.98 -24.48 -9.87
C LEU A 105 6.22 -25.25 -10.28
N PHE A 106 6.63 -26.18 -9.41
CA PHE A 106 7.72 -27.09 -9.72
C PHE A 106 7.32 -28.06 -10.80
N LYS A 107 6.07 -28.54 -10.71
CA LYS A 107 5.51 -29.50 -11.64
C LYS A 107 5.38 -28.89 -13.02
N LYS A 108 5.07 -27.59 -13.08
CA LYS A 108 4.95 -26.89 -14.34
C LYS A 108 6.29 -26.47 -14.93
N ASN A 109 7.30 -26.29 -14.08
CA ASN A 109 8.65 -25.95 -14.54
C ASN A 109 9.55 -27.16 -14.76
N LYS A 110 9.04 -28.35 -14.37
CA LYS A 110 9.71 -29.64 -14.45
C LYS A 110 11.02 -29.76 -13.69
N VAL A 111 10.81 -29.43 -12.41
CA VAL A 111 11.80 -29.53 -11.35
C VAL A 111 11.39 -30.76 -10.55
N THR A 112 12.26 -31.78 -10.56
CA THR A 112 12.17 -33.01 -9.76
C THR A 112 12.36 -32.77 -8.24
N TYR A 113 11.26 -32.90 -7.53
CA TYR A 113 11.26 -32.69 -6.10
C TYR A 113 11.61 -33.96 -5.33
N TYR A 114 12.82 -33.97 -4.76
CA TYR A 114 13.31 -35.09 -3.98
C TYR A 114 13.01 -34.85 -2.51
N LYS A 115 12.03 -35.60 -2.01
CA LYS A 115 11.59 -35.44 -0.63
C LYS A 115 12.39 -36.31 0.33
N GLY A 116 13.58 -35.81 0.63
CA GLY A 116 14.48 -36.46 1.56
C GLY A 116 15.63 -35.54 1.95
N ASN A 117 16.47 -36.02 2.87
CA ASN A 117 17.62 -35.27 3.35
C ASN A 117 18.70 -35.24 2.29
N GLY A 118 19.22 -34.06 2.05
CA GLY A 118 20.27 -33.85 1.07
C GLY A 118 21.60 -33.66 1.78
N SER A 119 22.56 -34.47 1.34
CA SER A 119 23.90 -34.44 1.91
C SER A 119 24.95 -34.65 0.83
N PHE A 120 26.17 -34.18 1.09
CA PHE A 120 27.27 -34.40 0.16
C PHE A 120 27.82 -35.81 0.27
N GLU A 121 28.25 -36.30 -0.90
CA GLU A 121 28.92 -37.58 -0.99
C GLU A 121 30.32 -37.23 -1.48
N ASP A 122 30.33 -36.52 -2.61
CA ASP A 122 31.52 -35.96 -3.23
C ASP A 122 31.32 -34.47 -3.41
N GLU A 123 32.32 -33.82 -3.99
CA GLU A 123 32.18 -32.44 -4.42
C GLU A 123 31.75 -32.53 -5.89
N THR A 124 30.62 -33.23 -6.07
CA THR A 124 29.99 -33.51 -7.35
C THR A 124 28.76 -34.37 -7.14
N LYS A 125 28.71 -35.20 -6.10
CA LYS A 125 27.56 -36.06 -5.86
C LYS A 125 26.82 -35.72 -4.57
N ILE A 126 25.49 -35.86 -4.62
CA ILE A 126 24.65 -35.57 -3.46
C ILE A 126 23.83 -36.80 -3.09
N ARG A 127 24.03 -37.26 -1.86
CA ARG A 127 23.25 -38.37 -1.33
C ARG A 127 21.89 -37.87 -0.83
N VAL A 128 20.82 -38.30 -1.51
CA VAL A 128 19.48 -38.01 -1.04
C VAL A 128 19.04 -39.15 -0.15
N THR A 129 19.22 -38.95 1.15
CA THR A 129 18.83 -39.86 2.22
C THR A 129 17.31 -39.87 2.32
N PRO A 130 16.61 -40.96 2.65
CA PRO A 130 15.21 -40.95 3.06
C PRO A 130 14.96 -40.44 4.46
N VAL A 131 13.89 -39.67 4.56
CA VAL A 131 13.43 -39.15 5.83
C VAL A 131 12.08 -39.81 6.14
N ASP A 132 11.71 -39.88 7.42
CA ASP A 132 10.44 -40.48 7.84
C ASP A 132 9.21 -39.68 7.41
N GLY A 133 8.15 -40.39 7.01
CA GLY A 133 6.91 -39.75 6.59
C GLY A 133 6.56 -40.02 5.13
N LEU A 134 5.87 -39.03 4.53
CA LEU A 134 5.44 -39.10 3.15
C LEU A 134 6.55 -38.87 2.13
N GLU A 135 6.64 -39.85 1.22
CA GLU A 135 7.62 -39.94 0.15
C GLU A 135 9.09 -39.78 0.59
N GLY A 136 9.71 -40.86 1.06
CA GLY A 136 11.12 -40.87 1.46
C GLY A 136 12.01 -40.98 0.23
N THR A 137 12.80 -39.93 0.00
CA THR A 137 13.63 -39.75 -1.20
C THR A 137 12.78 -39.89 -2.46
N VAL A 138 12.94 -40.89 -3.33
CA VAL A 138 12.06 -41.11 -4.48
C VAL A 138 12.15 -42.61 -4.79
N LYS A 139 11.68 -43.33 -3.76
CA LYS A 139 11.67 -44.79 -3.59
C LYS A 139 13.01 -45.35 -3.10
N GLU A 140 13.49 -44.64 -2.06
CA GLU A 140 14.69 -44.92 -1.28
C GLU A 140 16.11 -44.86 -1.85
N ASP A 141 16.84 -44.01 -1.11
CA ASP A 141 18.24 -43.65 -1.22
C ASP A 141 18.82 -43.39 -2.60
N HIS A 142 18.98 -42.09 -2.87
CA HIS A 142 19.51 -41.60 -4.13
C HIS A 142 20.89 -40.98 -4.01
N ILE A 143 21.63 -41.00 -5.13
CA ILE A 143 22.92 -40.35 -5.25
C ILE A 143 22.82 -39.62 -6.58
N LEU A 144 23.08 -38.32 -6.57
CA LEU A 144 22.91 -37.49 -7.75
C LEU A 144 24.16 -36.77 -8.18
N ASP A 145 24.62 -37.09 -9.39
CA ASP A 145 25.78 -36.42 -9.95
C ASP A 145 25.33 -35.15 -10.63
N VAL A 146 25.94 -34.06 -10.19
CA VAL A 146 25.63 -32.72 -10.68
C VAL A 146 26.84 -31.87 -11.05
N LYS A 147 26.57 -31.05 -12.06
CA LYS A 147 27.56 -30.11 -12.56
C LYS A 147 27.69 -28.89 -11.64
N ASN A 148 26.52 -28.42 -11.18
CA ASN A 148 26.44 -27.28 -10.31
C ASN A 148 25.46 -27.61 -9.19
N ILE A 149 25.81 -27.23 -7.97
CA ILE A 149 24.92 -27.46 -6.84
C ILE A 149 24.88 -26.22 -5.97
N ILE A 150 23.64 -25.81 -5.67
CA ILE A 150 23.42 -24.60 -4.87
C ILE A 150 22.85 -24.92 -3.50
N VAL A 151 23.67 -24.78 -2.43
CA VAL A 151 23.18 -24.98 -1.08
C VAL A 151 22.39 -23.86 -0.44
N ALA A 152 21.09 -24.21 -0.41
CA ALA A 152 20.06 -23.32 0.10
C ALA A 152 19.32 -23.84 1.33
N THR A 153 20.12 -24.39 2.25
CA THR A 153 19.63 -24.79 3.56
C THR A 153 19.34 -23.50 4.33
N GLY A 154 18.49 -23.54 5.35
CA GLY A 154 18.09 -22.29 5.96
C GLY A 154 18.76 -21.90 7.26
N SER A 155 17.82 -21.67 8.16
CA SER A 155 18.09 -21.27 9.52
C SER A 155 17.23 -22.05 10.50
N GLU A 156 17.63 -21.91 11.75
CA GLU A 156 16.95 -22.55 12.86
C GLU A 156 16.92 -21.53 14.00
N VAL A 157 16.07 -21.73 15.01
CA VAL A 157 16.04 -20.82 16.15
C VAL A 157 17.28 -20.96 17.01
N THR A 158 17.87 -19.82 17.43
CA THR A 158 18.99 -19.85 18.36
C THR A 158 18.36 -20.17 19.72
N PRO A 159 18.75 -21.27 20.39
CA PRO A 159 18.27 -21.60 21.73
C PRO A 159 18.94 -20.76 22.79
N PHE A 160 18.24 -20.54 23.92
CA PHE A 160 18.88 -19.86 25.02
C PHE A 160 19.43 -20.96 25.92
N PRO A 161 20.73 -20.89 26.28
CA PRO A 161 21.38 -21.81 27.21
C PRO A 161 20.73 -21.95 28.57
N GLY A 162 20.27 -23.18 28.83
CA GLY A 162 19.63 -23.52 30.09
C GLY A 162 18.12 -23.59 29.97
N ILE A 163 17.55 -22.96 28.93
CA ILE A 163 16.10 -22.97 28.74
C ILE A 163 15.71 -24.06 27.79
N GLU A 164 14.88 -24.99 28.29
CA GLU A 164 14.40 -26.08 27.47
C GLU A 164 13.13 -25.69 26.70
N ILE A 165 13.31 -25.51 25.38
CA ILE A 165 12.20 -25.11 24.54
C ILE A 165 11.30 -26.30 24.19
N ASP A 166 10.36 -26.56 25.09
CA ASP A 166 9.31 -27.55 24.87
C ASP A 166 8.18 -26.71 24.28
N GLU A 167 7.91 -26.83 22.98
CA GLU A 167 6.91 -25.98 22.36
C GLU A 167 5.49 -26.41 22.67
N GLU A 168 5.15 -25.83 23.82
CA GLU A 168 3.90 -26.06 24.53
C GLU A 168 3.83 -24.91 25.54
N LYS A 169 4.82 -24.84 26.44
CA LYS A 169 4.90 -23.78 27.43
C LYS A 169 6.14 -22.92 27.31
N ILE A 170 7.27 -23.45 26.82
CA ILE A 170 8.41 -22.61 26.50
C ILE A 170 8.59 -22.83 25.00
N VAL A 171 7.88 -21.99 24.26
CA VAL A 171 7.90 -22.04 22.81
C VAL A 171 8.95 -21.16 22.17
N SER A 172 9.17 -21.42 20.88
CA SER A 172 10.02 -20.57 20.09
C SER A 172 9.07 -19.82 19.16
N SER A 173 9.50 -19.29 18.00
CA SER A 173 8.58 -18.63 17.09
C SER A 173 7.55 -19.60 16.52
N THR A 174 8.01 -20.83 16.26
CA THR A 174 7.19 -21.92 15.75
C THR A 174 6.15 -22.32 16.77
N GLY A 175 6.50 -22.48 18.07
CA GLY A 175 5.50 -22.87 19.06
C GLY A 175 4.40 -21.84 19.25
N ALA A 176 4.84 -20.56 19.19
CA ALA A 176 3.99 -19.39 19.33
C ALA A 176 2.94 -19.24 18.23
N LEU A 177 3.29 -19.68 17.02
CA LEU A 177 2.39 -19.65 15.88
C LEU A 177 1.29 -20.71 15.92
N SER A 178 1.41 -21.67 16.84
CA SER A 178 0.42 -22.74 16.90
C SER A 178 -0.32 -22.87 18.20
N LEU A 179 -0.13 -21.92 19.12
CA LEU A 179 -0.77 -21.92 20.43
C LEU A 179 -2.27 -22.04 20.36
N LYS A 180 -2.85 -23.18 20.80
CA LYS A 180 -4.29 -23.38 20.68
C LYS A 180 -5.09 -22.90 21.91
N GLU A 181 -4.41 -22.06 22.71
CA GLU A 181 -4.93 -21.49 23.93
C GLU A 181 -4.15 -20.21 24.11
N ILE A 182 -4.84 -19.07 24.16
CA ILE A 182 -4.17 -17.80 24.33
C ILE A 182 -3.76 -17.61 25.79
N PRO A 183 -2.47 -17.33 26.07
CA PRO A 183 -1.94 -17.09 27.40
C PRO A 183 -2.48 -15.84 28.10
N LYS A 184 -2.55 -15.88 29.44
CA LYS A 184 -2.91 -14.70 30.20
C LYS A 184 -1.69 -13.80 30.24
N ARG A 185 -0.49 -14.40 30.29
CA ARG A 185 0.77 -13.68 30.21
C ARG A 185 1.72 -14.37 29.25
N LEU A 186 2.22 -13.60 28.27
CA LEU A 186 3.19 -14.11 27.33
C LEU A 186 4.49 -13.32 27.45
N THR A 187 5.53 -13.91 28.03
CA THR A 187 6.83 -13.25 28.08
C THR A 187 7.65 -13.68 26.86
N ILE A 188 8.40 -12.72 26.32
CA ILE A 188 9.20 -12.91 25.13
C ILE A 188 10.63 -12.48 25.43
N ILE A 189 11.59 -13.33 25.08
CA ILE A 189 12.98 -12.99 25.26
C ILE A 189 13.46 -12.67 23.86
N GLY A 190 13.67 -11.39 23.59
CA GLY A 190 14.12 -10.94 22.29
C GLY A 190 13.29 -9.75 21.83
N GLY A 191 13.98 -8.64 21.60
CA GLY A 191 13.34 -7.42 21.14
C GLY A 191 13.34 -7.31 19.64
N GLY A 192 13.77 -8.35 18.91
CA GLY A 192 13.80 -8.35 17.45
C GLY A 192 12.43 -8.35 16.80
N ILE A 193 12.41 -8.25 15.47
CA ILE A 193 11.19 -8.19 14.70
C ILE A 193 10.25 -9.37 14.90
N ILE A 194 10.82 -10.56 15.10
CA ILE A 194 10.02 -11.77 15.28
C ILE A 194 9.31 -11.76 16.63
N GLY A 195 10.01 -11.25 17.66
CA GLY A 195 9.45 -11.13 19.00
C GLY A 195 8.39 -10.05 19.10
N LEU A 196 8.64 -8.92 18.42
CA LEU A 196 7.73 -7.79 18.38
C LEU A 196 6.43 -8.10 17.68
N GLU A 197 6.49 -8.80 16.54
CA GLU A 197 5.31 -9.27 15.82
C GLU A 197 4.52 -10.28 16.63
N MET A 198 5.21 -11.25 17.27
CA MET A 198 4.53 -12.23 18.10
C MET A 198 3.93 -11.62 19.36
N GLY A 199 4.53 -10.51 19.80
CA GLY A 199 4.01 -9.74 20.92
C GLY A 199 2.72 -9.05 20.55
N SER A 200 2.70 -8.47 19.33
CA SER A 200 1.56 -7.76 18.80
C SER A 200 0.32 -8.64 18.64
N VAL A 201 0.40 -9.74 17.89
CA VAL A 201 -0.74 -10.65 17.67
C VAL A 201 -1.38 -11.17 18.96
N TYR A 202 -0.59 -11.50 19.98
CA TYR A 202 -1.17 -11.98 21.21
C TYR A 202 -1.64 -10.92 22.18
N SER A 203 -1.07 -9.71 22.16
CA SER A 203 -1.55 -8.63 23.02
C SER A 203 -2.90 -8.13 22.51
N ARG A 204 -3.08 -8.13 21.19
CA ARG A 204 -4.34 -7.77 20.55
C ARG A 204 -5.44 -8.75 20.94
N LEU A 205 -5.03 -9.99 21.21
CA LEU A 205 -5.93 -11.07 21.59
C LEU A 205 -6.22 -11.15 23.09
N GLY A 206 -5.34 -10.64 23.96
CA GLY A 206 -5.61 -10.66 25.40
C GLY A 206 -4.40 -10.88 26.31
N SER A 207 -3.26 -11.34 25.78
CA SER A 207 -2.07 -11.61 26.58
C SER A 207 -1.38 -10.37 27.13
N LYS A 208 -0.94 -10.49 28.37
CA LYS A 208 -0.19 -9.42 29.00
C LYS A 208 1.26 -9.73 28.65
N VAL A 209 1.63 -9.15 27.50
CA VAL A 209 2.95 -9.35 26.93
C VAL A 209 4.04 -8.47 27.52
N THR A 210 5.18 -9.12 27.77
CA THR A 210 6.36 -8.48 28.31
C THR A 210 7.48 -8.86 27.38
N VAL A 211 8.42 -7.94 27.10
CA VAL A 211 9.53 -8.20 26.19
C VAL A 211 10.85 -7.88 26.89
N VAL A 212 11.54 -8.96 27.27
CA VAL A 212 12.85 -8.91 27.89
C VAL A 212 13.92 -8.86 26.80
N GLU A 213 14.83 -7.89 26.86
CA GLU A 213 15.91 -7.73 25.88
C GLU A 213 17.16 -7.12 26.50
N PHE A 214 18.33 -7.71 26.22
CA PHE A 214 19.58 -7.23 26.77
C PHE A 214 20.00 -5.86 26.23
N GLN A 215 19.75 -5.61 24.93
CA GLN A 215 20.03 -4.31 24.32
C GLN A 215 19.02 -3.26 24.78
N PRO A 216 19.40 -1.98 24.93
CA PRO A 216 18.49 -0.88 25.26
C PRO A 216 17.33 -0.69 24.29
N GLN A 217 17.60 -0.45 23.00
CA GLN A 217 16.54 -0.29 22.01
C GLN A 217 16.14 -1.61 21.34
N ILE A 218 14.93 -1.64 20.76
CA ILE A 218 14.43 -2.85 20.12
C ILE A 218 14.56 -2.88 18.59
N GLY A 219 14.33 -4.07 18.02
CA GLY A 219 14.37 -4.33 16.58
C GLY A 219 15.73 -4.14 15.93
N ALA A 220 16.78 -4.21 16.76
CA ALA A 220 18.18 -3.93 16.47
C ALA A 220 18.91 -4.12 15.13
N SER A 221 18.39 -3.32 14.22
CA SER A 221 18.87 -3.08 12.85
C SER A 221 18.19 -1.81 12.32
N MET A 222 17.19 -1.37 13.09
CA MET A 222 16.38 -0.18 12.91
C MET A 222 17.15 1.10 13.13
N ASP A 223 16.58 2.16 12.54
CA ASP A 223 17.07 3.51 12.77
C ASP A 223 16.73 3.88 14.22
N GLY A 224 17.62 4.63 14.89
CA GLY A 224 17.47 4.98 16.29
C GLY A 224 16.18 5.70 16.62
N GLU A 225 15.84 6.68 15.78
CA GLU A 225 14.62 7.47 15.94
C GLU A 225 13.39 6.61 15.73
N VAL A 226 13.43 5.71 14.72
CA VAL A 226 12.33 4.82 14.41
C VAL A 226 12.13 3.74 15.47
N ALA A 227 13.23 3.24 16.04
CA ALA A 227 13.18 2.19 17.06
C ALA A 227 12.63 2.68 18.39
N LYS A 228 13.00 3.90 18.79
CA LYS A 228 12.52 4.48 20.02
C LYS A 228 11.02 4.78 19.93
N ALA A 229 10.59 5.17 18.72
CA ALA A 229 9.18 5.41 18.42
C ALA A 229 8.38 4.14 18.28
N THR A 230 9.07 3.04 17.92
CA THR A 230 8.44 1.73 17.81
C THR A 230 8.17 1.17 19.20
N GLN A 231 8.99 1.54 20.19
CA GLN A 231 8.75 1.13 21.56
C GLN A 231 7.47 1.79 22.04
N LYS A 232 7.39 3.10 21.76
CA LYS A 232 6.27 3.93 22.17
C LYS A 232 4.92 3.53 21.62
N PHE A 233 4.77 3.17 20.34
CA PHE A 233 3.45 2.78 19.88
C PHE A 233 3.07 1.37 20.30
N LEU A 234 4.05 0.51 20.60
CA LEU A 234 3.74 -0.82 21.08
C LEU A 234 3.40 -0.81 22.55
N LYS A 235 3.99 0.14 23.29
CA LYS A 235 3.71 0.30 24.71
C LYS A 235 2.30 0.86 24.91
N LYS A 236 1.83 1.65 23.93
CA LYS A 236 0.46 2.14 23.93
C LYS A 236 -0.48 1.00 23.55
N GLN A 237 0.02 0.02 22.78
CA GLN A 237 -0.76 -1.15 22.39
C GLN A 237 -0.82 -2.22 23.46
N GLY A 238 -0.02 -2.08 24.52
CA GLY A 238 -0.07 -3.00 25.64
C GLY A 238 1.14 -3.88 25.83
N LEU A 239 2.28 -3.55 25.19
CA LEU A 239 3.47 -4.35 25.36
C LEU A 239 4.38 -3.70 26.37
N ASP A 240 4.75 -4.49 27.37
CA ASP A 240 5.70 -4.04 28.36
C ASP A 240 7.09 -4.38 27.89
N PHE A 241 8.04 -3.51 28.24
CA PHE A 241 9.40 -3.69 27.79
C PHE A 241 10.39 -3.59 28.92
N LYS A 242 11.00 -4.74 29.22
CA LYS A 242 12.07 -4.78 30.19
C LYS A 242 13.36 -4.82 29.38
N LEU A 243 13.93 -3.63 29.21
CA LEU A 243 15.15 -3.44 28.43
C LEU A 243 16.41 -3.41 29.29
N SER A 244 17.56 -3.67 28.64
CA SER A 244 18.87 -3.81 29.28
C SER A 244 18.76 -4.86 30.38
N THR A 245 18.13 -5.98 30.02
CA THR A 245 17.83 -7.04 30.96
C THR A 245 18.18 -8.39 30.34
N LYS A 246 19.08 -9.08 31.04
CA LYS A 246 19.51 -10.43 30.68
C LYS A 246 18.69 -11.47 31.42
N VAL A 247 18.23 -12.53 30.75
CA VAL A 247 17.49 -13.56 31.45
C VAL A 247 18.47 -14.62 31.95
N ILE A 248 18.23 -15.03 33.20
CA ILE A 248 19.06 -16.02 33.86
C ILE A 248 18.40 -17.39 33.78
N SER A 249 17.22 -17.58 34.38
CA SER A 249 16.56 -18.87 34.40
C SER A 249 15.16 -18.80 33.82
N ALA A 250 14.69 -19.99 33.46
CA ALA A 250 13.34 -20.18 32.97
C ALA A 250 13.06 -21.66 33.05
N LYS A 251 12.01 -21.94 33.84
CA LYS A 251 11.64 -23.30 34.18
C LYS A 251 10.12 -23.44 34.26
N ARG A 252 9.58 -24.52 33.70
CA ARG A 252 8.17 -24.79 33.85
C ARG A 252 7.90 -25.23 35.28
N ASN A 253 7.05 -24.46 35.97
CA ASN A 253 6.65 -24.82 37.32
C ASN A 253 5.28 -25.42 37.09
N ASP A 254 5.30 -26.68 36.65
CA ASP A 254 4.10 -27.44 36.30
C ASP A 254 3.04 -27.63 37.38
N ASP A 255 3.41 -27.35 38.64
CA ASP A 255 2.48 -27.40 39.76
C ASP A 255 1.51 -26.23 39.71
N LYS A 256 2.06 -25.09 39.28
CA LYS A 256 1.30 -23.87 39.11
C LYS A 256 0.99 -23.55 37.64
N ASN A 257 1.48 -24.39 36.70
CA ASN A 257 1.37 -24.25 35.24
C ASN A 257 2.18 -23.06 34.69
N VAL A 258 2.81 -22.29 35.57
CA VAL A 258 3.52 -21.08 35.18
C VAL A 258 5.02 -21.23 34.95
N VAL A 259 5.50 -20.75 33.79
CA VAL A 259 6.93 -20.74 33.49
C VAL A 259 7.57 -19.63 34.31
N GLU A 260 8.20 -20.11 35.37
CA GLU A 260 8.90 -19.30 36.35
C GLU A 260 10.24 -18.82 35.80
N ILE A 261 10.23 -17.55 35.39
CA ILE A 261 11.39 -16.86 34.80
C ILE A 261 12.13 -16.07 35.88
N VAL A 262 13.42 -15.81 35.66
CA VAL A 262 14.27 -15.03 36.55
C VAL A 262 15.16 -14.23 35.62
N VAL A 263 15.11 -12.90 35.74
CA VAL A 263 15.93 -11.99 34.94
C VAL A 263 16.76 -11.07 35.84
N GLU A 264 17.70 -10.32 35.25
CA GLU A 264 18.54 -9.38 35.97
C GLU A 264 18.72 -8.10 35.16
N ASP A 265 18.61 -6.92 35.80
CA ASP A 265 18.84 -5.67 35.11
C ASP A 265 20.34 -5.42 35.00
N THR A 266 20.77 -4.82 33.89
CA THR A 266 22.18 -4.57 33.64
C THR A 266 22.69 -3.37 34.43
N LYS A 267 21.91 -2.27 34.50
CA LYS A 267 22.32 -1.08 35.24
C LYS A 267 22.32 -1.28 36.76
N THR A 268 21.35 -2.05 37.25
CA THR A 268 21.31 -2.40 38.66
C THR A 268 21.25 -3.93 38.68
N ASN A 269 22.31 -4.56 39.22
CA ASN A 269 22.46 -6.02 39.17
C ASN A 269 21.59 -6.89 40.07
N LYS A 270 20.40 -6.39 40.42
CA LYS A 270 19.41 -7.13 41.20
C LYS A 270 18.56 -7.98 40.27
N GLN A 271 17.95 -9.02 40.85
CA GLN A 271 17.16 -9.96 40.07
C GLN A 271 15.71 -10.09 40.50
N GLU A 272 14.83 -10.15 39.50
CA GLU A 272 13.40 -10.33 39.71
C GLU A 272 12.98 -11.71 39.27
N ASN A 273 11.99 -12.34 39.92
CA ASN A 273 11.46 -13.56 39.36
C ASN A 273 10.12 -13.20 38.72
N LEU A 274 10.01 -13.52 37.43
CA LEU A 274 8.80 -13.30 36.66
C LEU A 274 7.96 -14.56 36.55
N GLU A 275 6.70 -14.38 36.15
CA GLU A 275 5.78 -15.49 35.94
C GLU A 275 4.95 -15.22 34.71
N ALA A 276 5.02 -16.21 33.82
CA ALA A 276 4.27 -16.16 32.57
C ALA A 276 3.72 -17.52 32.25
N GLU A 277 2.56 -17.61 31.62
CA GLU A 277 1.98 -18.90 31.25
C GLU A 277 2.70 -19.58 30.09
N VAL A 278 3.17 -18.74 29.16
CA VAL A 278 3.93 -19.17 28.00
C VAL A 278 5.11 -18.21 27.85
N LEU A 279 6.29 -18.80 27.61
CA LEU A 279 7.50 -18.04 27.35
C LEU A 279 7.94 -18.28 25.92
N LEU A 280 8.47 -17.25 25.27
CA LEU A 280 8.91 -17.35 23.89
C LEU A 280 10.38 -16.98 23.86
N VAL A 281 11.21 -17.81 23.23
CA VAL A 281 12.63 -17.50 23.15
C VAL A 281 12.91 -17.11 21.71
N ALA A 282 12.85 -15.79 21.51
CA ALA A 282 13.08 -15.18 20.22
C ALA A 282 14.36 -14.37 20.23
N VAL A 283 15.43 -14.96 20.80
CA VAL A 283 16.74 -14.31 20.89
C VAL A 283 17.50 -14.20 19.58
N GLY A 284 17.08 -14.99 18.58
CA GLY A 284 17.69 -14.96 17.27
C GLY A 284 17.44 -16.23 16.48
N ARG A 285 18.11 -16.25 15.32
CA ARG A 285 18.13 -17.39 14.42
C ARG A 285 19.56 -17.56 13.91
N ARG A 286 19.96 -18.82 13.84
CA ARG A 286 21.29 -19.18 13.40
C ARG A 286 21.24 -20.11 12.19
N PRO A 287 22.29 -20.25 11.37
CA PRO A 287 22.36 -21.15 10.22
C PRO A 287 22.21 -22.63 10.50
N TYR A 288 21.78 -23.32 9.46
CA TYR A 288 21.58 -24.75 9.54
C TYR A 288 22.39 -25.42 8.45
N ILE A 289 23.50 -26.02 8.89
CA ILE A 289 24.40 -26.79 8.03
C ILE A 289 24.36 -28.28 8.36
N ALA A 290 23.62 -28.67 9.41
CA ALA A 290 23.50 -30.07 9.83
C ALA A 290 22.74 -30.96 8.88
N GLY A 291 23.32 -32.14 8.64
CA GLY A 291 22.76 -33.12 7.72
C GLY A 291 23.21 -32.91 6.28
N LEU A 292 23.81 -31.75 5.98
CA LEU A 292 24.28 -31.41 4.65
C LEU A 292 25.67 -31.96 4.41
N GLY A 293 26.47 -32.12 5.47
CA GLY A 293 27.80 -32.67 5.34
C GLY A 293 28.80 -31.70 4.75
N ALA A 294 28.91 -30.53 5.39
CA ALA A 294 29.90 -29.53 5.01
C ALA A 294 31.30 -29.99 5.42
N GLU A 295 31.38 -30.84 6.45
CA GLU A 295 32.62 -31.40 6.96
C GLU A 295 33.27 -32.46 6.08
N LYS A 296 32.49 -33.16 5.24
CA LYS A 296 33.04 -34.17 4.33
C LYS A 296 33.91 -33.55 3.25
N ILE A 297 33.36 -32.58 2.51
CA ILE A 297 34.09 -31.92 1.44
C ILE A 297 34.94 -30.73 1.90
N GLY A 298 34.73 -30.27 3.15
CA GLY A 298 35.49 -29.16 3.70
C GLY A 298 34.97 -27.78 3.30
N LEU A 299 33.64 -27.68 3.21
CA LEU A 299 32.97 -26.43 2.90
C LEU A 299 33.06 -25.57 4.16
N GLU A 300 33.71 -24.40 4.04
CA GLU A 300 33.98 -23.54 5.18
C GLU A 300 32.78 -22.86 5.85
N VAL A 301 32.74 -23.10 7.15
CA VAL A 301 31.75 -22.56 8.07
C VAL A 301 32.50 -21.54 8.95
N ASP A 302 31.90 -20.41 9.32
CA ASP A 302 32.58 -19.44 10.17
C ASP A 302 32.20 -19.54 11.65
N LYS A 303 32.66 -18.59 12.48
CA LYS A 303 32.37 -18.55 13.91
C LYS A 303 30.90 -18.39 14.29
N ARG A 304 30.09 -17.92 13.34
CA ARG A 304 28.65 -17.76 13.51
C ARG A 304 27.85 -19.00 13.13
N GLY A 305 28.43 -19.86 12.27
CA GLY A 305 27.79 -21.08 11.81
C GLY A 305 27.44 -21.04 10.32
N ARG A 306 27.78 -19.92 9.70
CA ARG A 306 27.49 -19.63 8.30
C ARG A 306 28.53 -20.11 7.31
N LEU A 307 28.02 -20.74 6.25
CA LEU A 307 28.86 -21.13 5.14
C LEU A 307 29.34 -19.88 4.40
N VAL A 308 30.66 -19.70 4.35
CA VAL A 308 31.24 -18.51 3.71
C VAL A 308 31.25 -18.59 2.19
N ILE A 309 31.19 -17.42 1.58
CA ILE A 309 31.16 -17.28 0.13
C ILE A 309 31.93 -16.05 -0.33
N ASP A 310 32.02 -15.91 -1.65
CA ASP A 310 32.57 -14.72 -2.29
C ASP A 310 31.42 -13.95 -2.94
N ASP A 311 31.65 -12.81 -3.61
CA ASP A 311 30.57 -12.05 -4.24
C ASP A 311 29.88 -12.76 -5.41
N GLN A 312 30.49 -13.84 -5.89
CA GLN A 312 29.91 -14.66 -6.94
C GLN A 312 29.08 -15.82 -6.36
N PHE A 313 28.77 -15.75 -5.06
CA PHE A 313 27.99 -16.72 -4.29
C PHE A 313 28.55 -18.12 -4.07
N ASN A 314 29.71 -18.48 -4.62
CA ASN A 314 30.26 -19.80 -4.40
C ASN A 314 31.29 -19.85 -3.28
N SER A 315 31.44 -21.07 -2.75
CA SER A 315 32.33 -21.35 -1.64
C SER A 315 33.71 -21.69 -2.19
N LYS A 316 34.53 -22.62 -1.63
CA LYS A 316 35.85 -22.89 -2.21
C LYS A 316 35.78 -23.63 -3.54
N PHE A 317 34.62 -24.24 -3.79
CA PHE A 317 34.36 -24.94 -5.03
C PHE A 317 33.53 -24.04 -5.93
N PRO A 318 34.00 -23.67 -7.13
CA PRO A 318 33.31 -22.81 -8.10
C PRO A 318 31.92 -23.23 -8.54
N HIS A 319 31.57 -24.49 -8.31
CA HIS A 319 30.26 -24.99 -8.70
C HIS A 319 29.32 -25.17 -7.51
N ILE A 320 29.84 -25.08 -6.29
CA ILE A 320 29.02 -25.16 -5.10
C ILE A 320 28.76 -23.75 -4.56
N LYS A 321 27.54 -23.27 -4.83
CA LYS A 321 27.11 -21.94 -4.42
C LYS A 321 26.22 -22.00 -3.19
N VAL A 322 26.48 -21.11 -2.24
CA VAL A 322 25.71 -21.04 -1.02
C VAL A 322 24.84 -19.78 -1.03
N VAL A 323 23.53 -19.96 -0.86
CA VAL A 323 22.59 -18.87 -0.78
C VAL A 323 21.57 -19.04 0.37
N GLY A 324 20.96 -17.92 0.78
CA GLY A 324 19.92 -17.93 1.79
C GLY A 324 20.33 -17.44 3.17
N ASP A 325 19.70 -18.10 4.15
CA ASP A 325 19.90 -17.84 5.56
C ASP A 325 21.08 -18.52 6.22
N VAL A 326 21.62 -19.54 5.52
CA VAL A 326 22.83 -20.23 5.96
C VAL A 326 24.07 -19.41 5.61
N THR A 327 23.96 -18.50 4.63
CA THR A 327 25.07 -17.66 4.20
C THR A 327 24.97 -16.23 4.76
N PHE A 328 25.81 -15.33 4.22
CA PHE A 328 25.86 -13.93 4.61
C PHE A 328 24.69 -13.09 4.12
N GLY A 329 24.41 -12.06 4.90
CA GLY A 329 23.34 -11.11 4.63
C GLY A 329 22.29 -11.08 5.73
N PRO A 330 21.32 -10.15 5.68
CA PRO A 330 20.13 -10.15 6.52
C PRO A 330 19.24 -11.35 6.25
N MET A 331 18.81 -12.01 7.32
CA MET A 331 17.98 -13.21 7.23
C MET A 331 16.52 -12.90 6.89
N LEU A 332 16.35 -12.60 5.60
CA LEU A 332 15.08 -12.20 5.02
C LEU A 332 14.78 -12.98 3.77
N ALA A 333 13.54 -13.46 3.69
CA ALA A 333 13.02 -14.24 2.58
C ALA A 333 13.20 -13.66 1.18
N HIS A 334 13.01 -12.35 1.00
CA HIS A 334 13.22 -11.73 -0.30
C HIS A 334 14.70 -11.51 -0.63
N LYS A 335 15.56 -11.45 0.38
CA LYS A 335 17.02 -11.35 0.20
C LYS A 335 17.47 -12.69 -0.37
N ALA A 336 16.92 -13.77 0.23
CA ALA A 336 17.15 -15.13 -0.21
C ALA A 336 16.60 -15.40 -1.60
N GLU A 337 15.44 -14.84 -1.96
CA GLU A 337 14.87 -14.99 -3.29
C GLU A 337 15.75 -14.34 -4.33
N GLU A 338 16.28 -13.15 -4.02
CA GLU A 338 17.19 -12.44 -4.90
C GLU A 338 18.50 -13.18 -5.11
N GLU A 339 19.00 -13.87 -4.07
CA GLU A 339 20.21 -14.67 -4.18
C GLU A 339 19.97 -15.95 -4.97
N GLY A 340 18.78 -16.56 -4.86
CA GLY A 340 18.42 -17.75 -5.60
C GLY A 340 18.38 -17.51 -7.10
N ILE A 341 17.94 -16.30 -7.48
CA ILE A 341 17.91 -15.86 -8.87
C ILE A 341 19.30 -15.54 -9.37
N ALA A 342 20.04 -14.71 -8.61
CA ALA A 342 21.36 -14.24 -9.00
C ALA A 342 22.40 -15.33 -9.14
N ALA A 343 22.29 -16.37 -8.31
CA ALA A 343 23.18 -17.51 -8.35
C ALA A 343 22.95 -18.33 -9.62
N VAL A 344 21.67 -18.53 -9.97
CA VAL A 344 21.26 -19.26 -11.16
C VAL A 344 21.57 -18.50 -12.46
N GLU A 345 21.44 -17.17 -12.44
CA GLU A 345 21.79 -16.34 -13.59
C GLU A 345 23.28 -16.40 -13.83
N MET A 346 24.07 -16.58 -12.75
CA MET A 346 25.51 -16.72 -12.85
C MET A 346 25.94 -18.00 -13.55
N LEU A 347 25.10 -19.02 -13.48
CA LEU A 347 25.39 -20.30 -14.11
C LEU A 347 25.06 -20.32 -15.60
N LYS A 348 24.19 -19.41 -16.05
CA LYS A 348 23.80 -19.37 -17.45
C LYS A 348 24.41 -18.20 -18.21
N THR A 349 24.71 -17.12 -17.48
CA THR A 349 25.19 -15.88 -18.09
C THR A 349 26.54 -15.44 -17.52
N GLY A 350 26.83 -15.84 -16.27
CA GLY A 350 28.04 -15.40 -15.60
C GLY A 350 27.87 -14.05 -14.93
N HIS A 351 26.59 -13.63 -14.81
CA HIS A 351 26.22 -12.35 -14.24
C HIS A 351 24.96 -12.44 -13.39
N GLY A 352 24.94 -11.62 -12.34
CA GLY A 352 23.83 -11.55 -11.40
C GLY A 352 24.20 -10.63 -10.25
N HIS A 353 23.24 -9.85 -9.76
CA HIS A 353 23.54 -8.93 -8.67
C HIS A 353 22.38 -8.69 -7.72
N VAL A 354 22.72 -8.94 -6.45
CA VAL A 354 21.83 -8.67 -5.33
C VAL A 354 22.39 -7.39 -4.74
N ASN A 355 21.57 -6.33 -4.75
CA ASN A 355 21.96 -5.08 -4.16
C ASN A 355 21.65 -5.17 -2.67
N TYR A 356 22.72 -5.50 -1.93
CA TYR A 356 22.64 -5.64 -0.47
C TYR A 356 22.34 -4.32 0.22
N ASN A 357 22.62 -3.19 -0.46
CA ASN A 357 22.32 -1.88 0.07
C ASN A 357 20.83 -1.50 -0.11
N ASN A 358 20.11 -2.21 -0.99
CA ASN A 358 18.70 -1.97 -1.19
C ASN A 358 17.88 -3.20 -0.78
N ILE A 359 18.10 -3.68 0.45
CA ILE A 359 17.30 -4.78 0.96
C ILE A 359 16.40 -4.17 2.02
N PRO A 360 15.08 -4.23 1.83
CA PRO A 360 14.11 -3.81 2.83
C PRO A 360 13.94 -4.74 4.01
N SER A 361 13.78 -4.13 5.19
CA SER A 361 13.50 -4.88 6.40
C SER A 361 12.16 -4.38 6.85
N VAL A 362 11.16 -5.26 6.96
CA VAL A 362 9.82 -4.82 7.32
C VAL A 362 9.28 -5.61 8.50
N MET A 363 8.87 -4.92 9.56
CA MET A 363 8.13 -5.50 10.66
C MET A 363 6.67 -5.21 10.36
N TYR A 364 5.86 -6.26 10.33
CA TYR A 364 4.46 -6.14 9.95
C TYR A 364 3.48 -5.97 11.09
N SER A 365 3.87 -5.15 12.07
CA SER A 365 3.02 -4.77 13.18
C SER A 365 2.03 -3.70 12.70
N HIS A 366 1.20 -3.12 13.56
CA HIS A 366 0.37 -2.04 13.09
C HIS A 366 0.50 -0.84 14.01
N PRO A 367 1.11 0.26 13.60
CA PRO A 367 1.68 0.53 12.27
C PRO A 367 2.88 -0.29 11.85
N GLU A 368 2.96 -0.58 10.54
CA GLU A 368 4.07 -1.33 10.00
C GLU A 368 5.35 -0.51 10.00
N VAL A 369 6.48 -1.12 10.36
CA VAL A 369 7.76 -0.41 10.33
C VAL A 369 8.55 -0.97 9.16
N ALA A 370 9.14 -0.12 8.33
CA ALA A 370 9.86 -0.59 7.16
C ALA A 370 10.99 0.33 6.77
N TRP A 371 12.10 -0.22 6.29
CA TRP A 371 13.23 0.61 5.94
C TRP A 371 14.22 0.08 4.92
N VAL A 372 14.64 0.99 4.03
CA VAL A 372 15.70 0.74 3.07
C VAL A 372 16.80 1.76 3.26
N GLY A 373 18.01 1.40 2.81
CA GLY A 373 19.15 2.29 2.90
C GLY A 373 19.73 2.43 4.30
N LYS A 374 20.56 3.47 4.40
CA LYS A 374 21.26 3.79 5.63
C LYS A 374 20.49 4.61 6.64
N THR A 375 20.70 4.24 7.90
CA THR A 375 20.09 4.90 9.03
C THR A 375 20.89 6.15 9.41
N GLU A 376 20.37 6.98 10.32
CA GLU A 376 21.08 8.16 10.76
C GLU A 376 22.42 7.87 11.40
N GLU A 377 22.43 6.77 12.17
CA GLU A 377 23.59 6.29 12.90
C GLU A 377 24.70 5.88 11.95
N GLN A 378 24.31 5.22 10.85
CA GLN A 378 25.22 4.78 9.81
C GLN A 378 25.80 5.93 8.99
N LEU A 379 25.04 7.01 8.76
CA LEU A 379 25.58 8.15 8.04
C LEU A 379 26.50 9.00 8.91
N LYS A 380 26.21 9.07 10.22
CA LYS A 380 27.07 9.80 11.16
C LYS A 380 28.32 8.99 11.48
N GLU A 381 28.22 7.67 11.31
CA GLU A 381 29.31 6.72 11.50
C GLU A 381 30.26 6.84 10.31
N ALA A 382 29.68 7.03 9.12
CA ALA A 382 30.44 7.20 7.89
C ALA A 382 30.94 8.62 7.66
N GLY A 383 30.37 9.60 8.37
CA GLY A 383 30.75 10.98 8.24
C GLY A 383 30.02 11.70 7.09
N ILE A 384 28.96 11.06 6.56
CA ILE A 384 28.15 11.62 5.49
C ILE A 384 27.27 12.74 6.05
N ASP A 385 27.31 13.88 5.35
CA ASP A 385 26.48 15.02 5.70
C ASP A 385 25.13 14.83 5.01
N TYR A 386 24.09 14.78 5.83
CA TYR A 386 22.75 14.48 5.37
C TYR A 386 21.64 15.41 5.85
N LYS A 387 20.61 15.52 5.01
CA LYS A 387 19.42 16.27 5.34
C LYS A 387 18.27 15.32 5.64
N ILE A 388 17.60 15.53 6.76
CA ILE A 388 16.45 14.73 7.14
C ILE A 388 15.19 15.45 6.66
N GLY A 389 14.18 14.68 6.26
CA GLY A 389 12.93 15.26 5.82
C GLY A 389 11.80 14.31 6.15
N LYS A 390 11.22 14.40 7.35
CA LYS A 390 10.10 13.55 7.65
C LYS A 390 8.75 14.22 7.48
N PHE A 391 7.71 13.39 7.40
CA PHE A 391 6.35 13.87 7.22
C PHE A 391 5.45 12.95 8.04
N PRO A 392 4.75 13.46 9.06
CA PRO A 392 3.80 12.70 9.86
C PRO A 392 2.57 12.25 9.08
N PHE A 393 2.06 11.05 9.40
CA PHE A 393 0.83 10.56 8.79
C PHE A 393 -0.40 11.30 9.29
N ALA A 394 -0.26 12.03 10.40
CA ALA A 394 -1.29 12.91 10.93
C ALA A 394 -1.58 14.06 9.96
N ALA A 395 -0.60 14.36 9.10
CA ALA A 395 -0.74 15.37 8.07
C ALA A 395 -1.22 14.79 6.75
N ASN A 396 -1.13 13.48 6.57
CA ASN A 396 -1.58 12.82 5.35
C ASN A 396 -3.09 12.73 5.29
N SER A 397 -3.60 13.07 4.10
CA SER A 397 -5.02 13.09 3.82
C SER A 397 -5.69 11.73 3.96
N ARG A 398 -5.18 10.66 3.34
CA ARG A 398 -5.84 9.37 3.45
C ARG A 398 -5.66 8.78 4.84
N ALA A 399 -4.57 9.07 5.54
CA ALA A 399 -4.38 8.55 6.89
C ALA A 399 -5.45 9.06 7.83
N LYS A 400 -5.76 10.36 7.76
CA LYS A 400 -6.79 10.95 8.61
C LYS A 400 -8.19 10.52 8.23
N THR A 401 -8.39 10.42 6.92
CA THR A 401 -9.65 10.00 6.35
C THR A 401 -9.94 8.57 6.72
N ASN A 402 -8.89 7.73 6.90
CA ASN A 402 -9.00 6.33 7.31
C ASN A 402 -8.83 6.11 8.80
N GLN A 403 -8.63 7.21 9.56
CA GLN A 403 -8.44 7.20 11.00
C GLN A 403 -7.37 6.20 11.46
N ASP A 404 -6.22 6.39 10.82
CA ASP A 404 -5.05 5.54 10.98
C ASP A 404 -3.88 6.46 10.66
N THR A 405 -3.51 7.23 11.68
CA THR A 405 -2.50 8.26 11.54
C THR A 405 -1.18 8.06 12.25
N GLU A 406 -0.97 6.90 12.88
CA GLU A 406 0.29 6.67 13.56
C GLU A 406 1.46 6.45 12.60
N GLY A 407 2.52 7.21 12.89
CA GLY A 407 3.76 7.08 12.14
C GLY A 407 4.22 8.33 11.42
N PHE A 408 5.31 8.14 10.67
CA PHE A 408 5.93 9.19 9.87
C PHE A 408 6.81 8.58 8.79
N VAL A 409 6.99 9.29 7.67
CA VAL A 409 7.88 8.85 6.61
C VAL A 409 9.12 9.71 6.72
N LYS A 410 10.30 9.10 6.88
CA LYS A 410 11.52 9.86 7.07
C LYS A 410 12.49 9.66 5.93
N ILE A 411 12.84 10.73 5.22
CA ILE A 411 13.78 10.62 4.12
C ILE A 411 15.10 11.28 4.46
N LEU A 412 16.14 10.45 4.46
CA LEU A 412 17.50 10.92 4.69
C LEU A 412 18.16 11.05 3.33
N ILE A 413 18.62 12.26 2.97
CA ILE A 413 19.28 12.48 1.69
C ILE A 413 20.68 13.04 1.86
N ASP A 414 21.49 12.96 0.81
CA ASP A 414 22.83 13.53 0.85
C ASP A 414 22.68 15.04 0.67
N SER A 415 23.32 15.84 1.52
CA SER A 415 23.20 17.30 1.46
C SER A 415 23.69 17.97 0.18
N LYS A 416 24.65 17.39 -0.54
CA LYS A 416 25.16 18.02 -1.74
C LYS A 416 24.74 17.39 -3.06
N THR A 417 24.36 16.11 -3.07
CA THR A 417 23.87 15.48 -4.30
C THR A 417 22.34 15.34 -4.24
N GLU A 418 21.78 15.52 -3.03
CA GLU A 418 20.36 15.42 -2.71
C GLU A 418 19.66 14.09 -2.99
N ARG A 419 20.47 13.06 -3.25
CA ARG A 419 19.94 11.73 -3.53
C ARG A 419 19.53 11.01 -2.25
N ILE A 420 18.47 10.22 -2.36
CA ILE A 420 17.93 9.43 -1.26
C ILE A 420 18.94 8.39 -0.81
N LEU A 421 19.31 8.44 0.47
CA LEU A 421 20.26 7.51 1.09
C LEU A 421 19.57 6.48 1.96
N GLY A 422 18.44 6.88 2.54
CA GLY A 422 17.64 6.04 3.42
C GLY A 422 16.19 6.49 3.47
N ALA A 423 15.31 5.52 3.80
CA ALA A 423 13.88 5.77 3.92
C ALA A 423 13.30 4.91 5.03
N HIS A 424 12.90 5.55 6.12
CA HIS A 424 12.42 4.86 7.31
C HIS A 424 11.00 5.29 7.63
N ILE A 425 10.08 4.37 7.36
CA ILE A 425 8.65 4.60 7.46
C ILE A 425 7.97 3.81 8.55
N ILE A 426 7.50 4.50 9.60
CA ILE A 426 6.57 3.87 10.53
C ILE A 426 5.23 4.34 9.98
N GLY A 427 4.28 3.43 9.74
CA GLY A 427 2.99 3.79 9.18
C GLY A 427 2.20 2.59 8.69
N PRO A 428 0.88 2.73 8.44
CA PRO A 428 0.09 1.75 7.70
C PRO A 428 0.72 1.61 6.33
N ASN A 429 0.63 0.41 5.75
CA ASN A 429 1.17 0.13 4.43
C ASN A 429 2.67 0.41 4.26
N ALA A 430 3.44 0.53 5.34
CA ALA A 430 4.86 0.83 5.24
C ALA A 430 5.69 -0.21 4.47
N GLY A 431 5.31 -1.49 4.53
CA GLY A 431 5.96 -2.56 3.78
C GLY A 431 5.70 -2.46 2.28
N GLU A 432 4.56 -1.84 1.95
CA GLU A 432 4.19 -1.56 0.57
C GLU A 432 4.83 -0.26 0.10
N MET A 433 4.95 0.73 0.99
CA MET A 433 5.46 2.03 0.62
C MET A 433 6.97 2.05 0.41
N ILE A 434 7.65 1.16 1.13
CA ILE A 434 9.10 1.05 1.03
C ILE A 434 9.55 0.53 -0.34
N ALA A 435 8.63 -0.10 -1.07
CA ALA A 435 8.88 -0.55 -2.41
C ALA A 435 9.13 0.62 -3.36
N GLU A 436 8.43 1.73 -3.06
CA GLU A 436 8.57 2.97 -3.81
C GLU A 436 9.92 3.59 -3.47
N ALA A 437 10.31 3.47 -2.19
CA ALA A 437 11.61 3.94 -1.74
C ALA A 437 12.76 3.10 -2.28
N GLY A 438 12.44 1.83 -2.56
CA GLY A 438 13.38 0.86 -3.10
C GLY A 438 13.70 1.18 -4.54
N LEU A 439 12.66 1.38 -5.35
CA LEU A 439 12.83 1.69 -6.77
C LEU A 439 13.52 3.02 -7.00
N ALA A 440 13.27 3.98 -6.10
CA ALA A 440 13.90 5.29 -6.13
C ALA A 440 15.37 5.24 -5.78
N LEU A 441 15.76 4.29 -4.92
CA LEU A 441 17.15 4.08 -4.56
C LEU A 441 17.93 3.36 -5.66
N GLU A 442 17.26 2.46 -6.38
CA GLU A 442 17.88 1.69 -7.45
C GLU A 442 18.28 2.58 -8.62
N TYR A 443 17.46 3.62 -8.85
CA TYR A 443 17.75 4.59 -9.88
C TYR A 443 18.63 5.75 -9.39
N GLY A 444 18.95 5.78 -8.08
CA GLY A 444 19.78 6.81 -7.47
C GLY A 444 19.12 8.18 -7.55
N ALA A 445 17.80 8.17 -7.41
CA ALA A 445 17.00 9.37 -7.51
C ALA A 445 17.08 10.28 -6.29
N SER A 446 16.91 11.57 -6.59
CA SER A 446 16.91 12.60 -5.56
C SER A 446 15.53 12.74 -4.94
N ALA A 447 15.52 13.43 -3.79
CA ALA A 447 14.28 13.74 -3.09
C ALA A 447 13.35 14.55 -3.99
N GLU A 448 13.97 15.32 -4.88
CA GLU A 448 13.28 16.14 -5.86
C GLU A 448 12.61 15.34 -6.96
N ASP A 449 13.20 14.22 -7.41
CA ASP A 449 12.63 13.43 -8.50
C ASP A 449 11.33 12.74 -8.19
N VAL A 450 11.26 12.18 -6.98
CA VAL A 450 10.03 11.56 -6.50
C VAL A 450 9.03 12.64 -6.06
N ALA A 451 9.51 13.82 -5.67
CA ALA A 451 8.64 14.95 -5.35
C ALA A 451 7.94 15.46 -6.60
N ARG A 452 8.60 15.30 -7.76
CA ARG A 452 8.03 15.69 -9.03
C ARG A 452 7.12 14.62 -9.63
N VAL A 453 7.10 13.43 -9.05
CA VAL A 453 6.21 12.36 -9.49
C VAL A 453 4.81 12.68 -8.98
N CYS A 454 3.83 12.62 -9.88
CA CYS A 454 2.46 12.88 -9.48
C CYS A 454 1.88 11.68 -8.74
N HIS A 455 1.70 11.88 -7.42
CA HIS A 455 1.09 10.86 -6.59
C HIS A 455 -0.39 11.15 -6.42
N ALA A 456 -1.22 10.11 -6.57
CA ALA A 456 -2.67 10.24 -6.47
C ALA A 456 -3.22 10.72 -5.13
N HIS A 457 -4.40 11.35 -5.17
CA HIS A 457 -5.05 11.86 -3.97
C HIS A 457 -6.42 11.24 -3.84
N PRO A 458 -6.88 10.86 -2.63
CA PRO A 458 -6.05 10.70 -1.45
C PRO A 458 -5.39 9.35 -1.28
N THR A 459 -4.07 9.36 -1.14
CA THR A 459 -3.32 8.13 -0.87
C THR A 459 -2.27 8.38 0.20
N LEU A 460 -1.79 7.28 0.81
CA LEU A 460 -0.74 7.34 1.81
C LEU A 460 0.61 7.61 1.16
N SER A 461 0.74 7.32 -0.15
CA SER A 461 1.97 7.57 -0.89
C SER A 461 2.36 9.04 -0.99
N GLU A 462 1.39 9.93 -0.74
CA GLU A 462 1.62 11.37 -0.73
C GLU A 462 2.52 11.78 0.43
N ALA A 463 2.49 10.99 1.52
CA ALA A 463 3.34 11.20 2.67
C ALA A 463 4.80 10.99 2.33
N PHE A 464 5.02 10.11 1.34
CA PHE A 464 6.35 9.82 0.84
C PHE A 464 6.81 11.00 0.01
N LYS A 465 5.96 11.39 -0.98
CA LYS A 465 6.21 12.53 -1.86
C LYS A 465 6.58 13.80 -1.12
N GLU A 466 5.84 14.08 -0.06
CA GLU A 466 6.04 15.26 0.74
C GLU A 466 7.09 15.12 1.83
N ALA A 467 7.48 13.89 2.20
CA ALA A 467 8.61 13.72 3.11
C ALA A 467 9.87 14.07 2.34
N ASN A 468 9.87 13.69 1.05
CA ASN A 468 10.93 14.02 0.12
C ASN A 468 10.96 15.51 -0.19
N MET A 469 9.76 16.12 -0.31
CA MET A 469 9.65 17.56 -0.53
C MET A 469 10.23 18.31 0.64
N ALA A 470 10.00 17.81 1.86
CA ALA A 470 10.53 18.40 3.07
C ALA A 470 12.03 18.23 3.23
N ALA A 471 12.59 17.19 2.58
CA ALA A 471 14.01 16.91 2.65
C ALA A 471 14.87 17.94 1.92
N TYR A 472 14.54 18.25 0.66
CA TYR A 472 15.35 19.19 -0.10
C TYR A 472 14.83 20.62 -0.08
N ASP A 473 13.52 20.80 0.10
CA ASP A 473 12.89 22.11 0.10
C ASP A 473 11.82 22.21 1.19
N LYS A 474 10.52 22.27 0.87
CA LYS A 474 9.45 22.41 1.85
C LYS A 474 8.29 21.57 1.36
N ALA A 475 7.59 20.93 2.30
CA ALA A 475 6.37 20.19 1.98
C ALA A 475 5.15 21.12 1.98
N ILE A 476 4.09 20.69 1.30
CA ILE A 476 2.86 21.47 1.17
C ILE A 476 1.98 21.38 2.42
N HIS A 477 1.71 20.15 2.88
CA HIS A 477 0.86 19.97 4.03
C HIS A 477 1.58 19.94 5.37
N CYS A 478 2.88 20.26 5.35
CA CYS A 478 3.68 20.33 6.56
C CYS A 478 4.15 21.78 6.72
N THR B 1 -16.39 49.64 -0.19
CA THR B 1 -15.25 48.98 -0.81
C THR B 1 -13.92 49.39 -0.18
N ILE B 2 -12.96 48.45 -0.13
CA ILE B 2 -11.62 48.68 0.38
C ILE B 2 -10.68 48.09 -0.65
N ASN B 3 -9.67 48.83 -1.11
CA ASN B 3 -8.77 48.24 -2.08
C ASN B 3 -7.35 47.94 -1.56
N LYS B 4 -7.06 46.63 -1.43
CA LYS B 4 -5.76 46.14 -0.97
C LYS B 4 -4.95 45.52 -2.11
N SER B 5 -3.61 45.56 -2.04
CA SER B 5 -2.81 44.98 -3.09
C SER B 5 -1.99 43.76 -2.67
N HIS B 6 -2.05 42.73 -3.53
CA HIS B 6 -1.30 41.49 -3.34
C HIS B 6 -0.54 41.13 -4.62
N ASP B 7 0.47 40.26 -4.52
CA ASP B 7 1.21 39.82 -5.69
C ASP B 7 0.46 38.79 -6.49
N VAL B 8 -0.08 37.76 -5.81
CA VAL B 8 -0.82 36.69 -6.46
C VAL B 8 -2.14 36.49 -5.72
N VAL B 9 -3.24 36.31 -6.47
CA VAL B 9 -4.52 36.01 -5.88
C VAL B 9 -5.06 34.73 -6.52
N ILE B 10 -5.67 33.85 -5.71
CA ILE B 10 -6.18 32.60 -6.21
C ILE B 10 -7.69 32.67 -6.06
N ILE B 11 -8.46 32.51 -7.14
CA ILE B 11 -9.92 32.53 -7.02
C ILE B 11 -10.35 31.08 -6.94
N GLY B 12 -10.37 30.62 -5.69
CA GLY B 12 -10.76 29.27 -5.37
C GLY B 12 -9.88 28.69 -4.28
N GLY B 13 -10.46 27.82 -3.47
CA GLY B 13 -9.72 27.20 -2.37
C GLY B 13 -9.68 25.69 -2.45
N GLY B 14 -9.89 25.09 -3.63
CA GLY B 14 -9.79 23.65 -3.80
C GLY B 14 -8.35 23.17 -3.90
N PRO B 15 -8.07 21.91 -4.25
CA PRO B 15 -6.73 21.36 -4.47
C PRO B 15 -5.75 22.24 -5.22
N ALA B 16 -6.16 22.71 -6.39
CA ALA B 16 -5.34 23.61 -7.18
C ALA B 16 -5.10 24.92 -6.46
N GLY B 17 -6.17 25.44 -5.87
CA GLY B 17 -6.17 26.72 -5.20
C GLY B 17 -5.31 26.83 -3.97
N TYR B 18 -5.60 26.05 -2.91
CA TYR B 18 -4.87 26.18 -1.66
C TYR B 18 -3.41 25.76 -1.72
N VAL B 19 -3.00 24.78 -2.55
CA VAL B 19 -1.59 24.41 -2.63
C VAL B 19 -0.84 25.49 -3.41
N ALA B 20 -1.53 26.14 -4.35
CA ALA B 20 -0.94 27.24 -5.11
C ALA B 20 -0.72 28.43 -4.21
N ALA B 21 -1.61 28.60 -3.23
CA ALA B 21 -1.53 29.65 -2.24
C ALA B 21 -0.39 29.41 -1.28
N ILE B 22 -0.26 28.15 -0.82
CA ILE B 22 0.79 27.76 0.10
C ILE B 22 2.13 27.84 -0.59
N LYS B 23 2.20 27.45 -1.87
CA LYS B 23 3.47 27.44 -2.59
C LYS B 23 3.90 28.85 -2.96
N ALA B 24 2.96 29.73 -3.34
CA ALA B 24 3.31 31.10 -3.68
C ALA B 24 3.85 31.83 -2.48
N ALA B 25 3.23 31.59 -1.31
CA ALA B 25 3.62 32.16 -0.04
C ALA B 25 5.01 31.69 0.40
N GLN B 26 5.28 30.41 0.14
CA GLN B 26 6.58 29.78 0.39
C GLN B 26 7.63 30.32 -0.57
N LEU B 27 7.19 30.77 -1.75
CA LEU B 27 8.07 31.38 -2.72
C LEU B 27 8.16 32.89 -2.53
N GLY B 28 7.78 33.38 -1.35
CA GLY B 28 7.92 34.79 -1.00
C GLY B 28 6.78 35.70 -1.40
N PHE B 29 5.91 35.31 -2.35
CA PHE B 29 4.81 36.15 -2.80
C PHE B 29 3.80 36.54 -1.73
N ASN B 30 3.19 37.71 -1.92
CA ASN B 30 2.11 38.19 -1.06
C ASN B 30 0.86 37.56 -1.69
N THR B 31 0.46 36.48 -1.04
CA THR B 31 -0.60 35.65 -1.58
C THR B 31 -1.90 35.85 -0.84
N ALA B 32 -2.95 35.82 -1.65
CA ALA B 32 -4.31 35.94 -1.21
C ALA B 32 -5.12 34.84 -1.85
N CYS B 33 -6.02 34.22 -1.10
CA CYS B 33 -6.86 33.16 -1.64
C CYS B 33 -8.30 33.47 -1.29
N VAL B 34 -9.10 33.59 -2.33
CA VAL B 34 -10.51 33.90 -2.21
C VAL B 34 -11.35 32.63 -2.32
N GLU B 35 -12.04 32.30 -1.22
CA GLU B 35 -12.93 31.15 -1.21
C GLU B 35 -14.30 31.53 -0.71
N LYS B 36 -15.21 31.29 -1.65
CA LYS B 36 -16.64 31.52 -1.54
C LYS B 36 -17.33 30.74 -0.43
N ARG B 37 -17.01 29.45 -0.22
CA ARG B 37 -17.61 28.69 0.86
C ARG B 37 -16.84 28.92 2.17
N GLY B 38 -17.36 28.38 3.28
CA GLY B 38 -16.77 28.61 4.60
C GLY B 38 -15.45 27.91 4.87
N LYS B 39 -15.09 26.97 4.00
CA LYS B 39 -13.88 26.17 4.19
C LYS B 39 -12.97 26.03 2.98
N LEU B 40 -11.68 25.83 3.21
CA LEU B 40 -10.78 25.48 2.12
C LEU B 40 -10.89 23.98 1.79
N GLY B 41 -10.19 23.57 0.73
CA GLY B 41 -10.22 22.19 0.29
C GLY B 41 -11.08 21.95 -0.94
N GLY B 42 -11.93 22.92 -1.28
CA GLY B 42 -12.80 22.84 -2.45
C GLY B 42 -13.71 21.64 -2.43
N THR B 43 -14.05 21.16 -3.63
CA THR B 43 -14.88 19.99 -3.82
C THR B 43 -14.25 18.77 -3.18
N CYS B 44 -12.93 18.59 -3.31
CA CYS B 44 -12.23 17.44 -2.79
C CYS B 44 -12.38 17.18 -1.29
N LEU B 45 -11.97 18.10 -0.44
CA LEU B 45 -12.07 17.87 0.99
C LEU B 45 -13.47 17.95 1.56
N ASN B 46 -14.30 18.82 0.98
CA ASN B 46 -15.62 19.08 1.51
C ASN B 46 -16.71 18.17 1.00
N VAL B 47 -16.86 18.03 -0.32
CA VAL B 47 -17.88 17.15 -0.87
C VAL B 47 -17.27 16.15 -1.88
N GLY B 48 -15.98 15.81 -1.82
CA GLY B 48 -15.40 14.98 -2.87
C GLY B 48 -14.62 13.80 -2.36
N CYS B 49 -13.31 13.96 -2.52
CA CYS B 49 -12.32 12.98 -2.12
C CYS B 49 -12.43 12.45 -0.69
N ILE B 50 -12.24 13.34 0.29
CA ILE B 50 -12.21 12.99 1.71
C ILE B 50 -13.52 12.38 2.22
N PRO B 51 -14.73 12.91 2.00
CA PRO B 51 -15.96 12.28 2.45
C PRO B 51 -16.30 10.93 1.83
N SER B 52 -16.11 10.77 0.50
CA SER B 52 -16.43 9.51 -0.15
C SER B 52 -15.48 8.38 0.25
N LYS B 53 -14.18 8.69 0.41
CA LYS B 53 -13.19 7.71 0.88
C LYS B 53 -13.41 7.32 2.33
N ALA B 54 -13.93 8.25 3.15
CA ALA B 54 -14.24 7.97 4.54
C ALA B 54 -15.41 7.00 4.63
N LEU B 55 -16.42 7.19 3.77
CA LEU B 55 -17.55 6.28 3.70
C LEU B 55 -17.18 4.97 3.03
N LEU B 56 -16.14 4.99 2.22
CA LEU B 56 -15.69 3.83 1.48
C LEU B 56 -14.89 2.86 2.36
N ASN B 57 -14.12 3.43 3.29
CA ASN B 57 -13.29 2.67 4.22
C ASN B 57 -14.08 2.11 5.39
N ASN B 58 -14.99 2.89 5.97
CA ASN B 58 -15.80 2.42 7.10
C ASN B 58 -16.82 1.38 6.67
N SER B 59 -17.38 1.50 5.46
CA SER B 59 -18.34 0.52 4.93
C SER B 59 -17.66 -0.78 4.59
N HIS B 60 -16.39 -0.68 4.18
CA HIS B 60 -15.58 -1.83 3.87
C HIS B 60 -15.28 -2.61 5.14
N LEU B 61 -15.02 -1.89 6.24
CA LEU B 61 -14.78 -2.53 7.51
C LEU B 61 -16.06 -3.14 8.07
N PHE B 62 -17.22 -2.57 7.76
CA PHE B 62 -18.49 -3.17 8.15
C PHE B 62 -18.64 -4.45 7.35
N HIS B 63 -18.30 -4.37 6.07
CA HIS B 63 -18.38 -5.49 5.15
C HIS B 63 -17.45 -6.63 5.56
N GLN B 64 -16.27 -6.32 6.11
CA GLN B 64 -15.35 -7.34 6.61
C GLN B 64 -15.87 -7.99 7.88
N MET B 65 -16.48 -7.18 8.76
CA MET B 65 -17.05 -7.67 10.01
C MET B 65 -18.29 -8.51 9.81
N HIS B 66 -19.02 -8.22 8.73
CA HIS B 66 -20.24 -8.95 8.46
C HIS B 66 -20.00 -10.24 7.69
N THR B 67 -19.05 -10.29 6.74
CA THR B 67 -18.84 -11.50 5.96
C THR B 67 -17.56 -12.28 6.28
N GLU B 68 -16.42 -11.58 6.38
CA GLU B 68 -15.12 -12.20 6.59
C GLU B 68 -14.71 -12.54 8.01
N ALA B 69 -15.27 -11.88 9.03
CA ALA B 69 -14.86 -12.06 10.43
C ALA B 69 -14.80 -13.47 11.00
N GLN B 70 -15.84 -14.30 10.85
CA GLN B 70 -15.87 -15.67 11.36
C GLN B 70 -14.82 -16.56 10.70
N LYS B 71 -14.60 -16.34 9.40
CA LYS B 71 -13.58 -17.07 8.65
C LYS B 71 -12.18 -16.66 9.08
N ARG B 72 -12.01 -15.44 9.61
CA ARG B 72 -10.73 -14.99 10.13
C ARG B 72 -10.52 -15.46 11.58
N GLY B 73 -11.52 -16.18 12.11
CA GLY B 73 -11.48 -16.73 13.45
C GLY B 73 -12.05 -15.81 14.51
N ILE B 74 -12.94 -14.89 14.14
CA ILE B 74 -13.51 -13.95 15.09
C ILE B 74 -15.01 -14.19 15.16
N ASP B 75 -15.43 -14.78 16.28
CA ASP B 75 -16.85 -15.02 16.51
C ASP B 75 -17.50 -13.96 17.37
N VAL B 76 -18.46 -13.29 16.73
CA VAL B 76 -19.25 -12.27 17.40
C VAL B 76 -20.55 -12.86 17.89
N ASN B 77 -20.64 -12.83 19.22
CA ASN B 77 -21.82 -13.27 19.94
C ASN B 77 -22.76 -12.06 20.05
N GLY B 78 -23.36 -11.71 18.91
CA GLY B 78 -24.26 -10.57 18.85
C GLY B 78 -24.81 -10.23 17.47
N ASP B 79 -24.86 -8.92 17.22
CA ASP B 79 -25.47 -8.40 16.01
C ASP B 79 -24.70 -7.22 15.43
N ILE B 80 -24.15 -7.40 14.22
CA ILE B 80 -23.37 -6.32 13.60
C ILE B 80 -24.25 -5.49 12.67
N LYS B 81 -24.56 -4.28 13.15
CA LYS B 81 -25.38 -3.34 12.40
C LYS B 81 -24.69 -2.00 12.22
N ILE B 82 -24.91 -1.41 11.05
CA ILE B 82 -24.33 -0.12 10.74
C ILE B 82 -25.18 1.01 11.31
N ASN B 83 -24.52 1.83 12.14
CA ASN B 83 -25.13 3.02 12.69
C ASN B 83 -24.81 4.15 11.73
N VAL B 84 -25.81 4.57 10.94
CA VAL B 84 -25.64 5.59 9.90
C VAL B 84 -25.26 6.95 10.47
N ALA B 85 -25.72 7.29 11.67
CA ALA B 85 -25.41 8.56 12.30
C ALA B 85 -23.97 8.71 12.75
N ASN B 86 -23.42 7.64 13.35
CA ASN B 86 -22.02 7.60 13.76
C ASN B 86 -21.10 7.42 12.55
N PHE B 87 -21.63 6.78 11.50
CA PHE B 87 -20.94 6.55 10.23
C PHE B 87 -20.77 7.89 9.52
N GLN B 88 -21.86 8.67 9.50
CA GLN B 88 -21.85 10.00 8.92
C GLN B 88 -20.99 10.93 9.73
N LYS B 89 -21.00 10.79 11.07
CA LYS B 89 -20.19 11.64 11.94
C LYS B 89 -18.70 11.39 11.71
N ALA B 90 -18.31 10.13 11.48
CA ALA B 90 -16.92 9.77 11.21
C ALA B 90 -16.38 10.44 9.97
N LYS B 91 -17.27 10.53 8.98
CA LYS B 91 -17.03 11.19 7.71
C LYS B 91 -16.86 12.69 7.93
N ASP B 92 -17.80 13.27 8.70
CA ASP B 92 -17.80 14.69 9.00
C ASP B 92 -16.62 15.19 9.76
N ASP B 93 -16.14 14.36 10.69
CA ASP B 93 -14.99 14.72 11.50
C ASP B 93 -13.74 14.73 10.65
N ALA B 94 -13.64 13.80 9.70
CA ALA B 94 -12.51 13.75 8.79
C ALA B 94 -12.44 15.01 7.96
N VAL B 95 -13.60 15.36 7.38
CA VAL B 95 -13.73 16.57 6.58
C VAL B 95 -13.41 17.80 7.42
N LYS B 96 -13.91 17.84 8.66
CA LYS B 96 -13.72 18.95 9.58
C LYS B 96 -12.26 19.16 9.98
N GLN B 97 -11.53 18.07 10.23
CA GLN B 97 -10.13 18.17 10.63
C GLN B 97 -9.25 18.62 9.48
N LEU B 98 -9.51 18.05 8.30
CA LEU B 98 -8.75 18.34 7.08
C LEU B 98 -8.84 19.80 6.65
N THR B 99 -10.06 20.32 6.64
CA THR B 99 -10.33 21.70 6.27
C THR B 99 -9.72 22.68 7.25
N GLY B 100 -9.82 22.35 8.54
CA GLY B 100 -9.22 23.13 9.60
C GLY B 100 -7.71 23.09 9.53
N GLY B 101 -7.18 21.99 8.98
CA GLY B 101 -5.74 21.82 8.81
C GLY B 101 -5.17 22.77 7.77
N ILE B 102 -5.97 23.11 6.74
CA ILE B 102 -5.53 24.03 5.71
C ILE B 102 -5.55 25.46 6.21
N GLU B 103 -6.48 25.79 7.12
CA GLU B 103 -6.52 27.10 7.74
C GLU B 103 -5.32 27.30 8.64
N LEU B 104 -4.88 26.22 9.30
CA LEU B 104 -3.70 26.26 10.16
C LEU B 104 -2.47 26.46 9.29
N LEU B 105 -2.46 25.84 8.09
CA LEU B 105 -1.38 25.98 7.13
C LEU B 105 -1.35 27.35 6.49
N PHE B 106 -2.53 27.96 6.30
CA PHE B 106 -2.61 29.29 5.74
C PHE B 106 -2.08 30.32 6.72
N LYS B 107 -2.29 30.09 8.02
CA LYS B 107 -1.75 30.99 9.03
C LYS B 107 -0.25 30.83 9.17
N LYS B 108 0.23 29.60 8.99
CA LYS B 108 1.64 29.26 9.08
C LYS B 108 2.43 29.83 7.90
N ASN B 109 1.84 29.77 6.71
CA ASN B 109 2.48 30.27 5.49
C ASN B 109 2.14 31.73 5.17
N LYS B 110 1.33 32.39 6.03
CA LYS B 110 0.90 33.78 5.91
C LYS B 110 0.09 34.12 4.65
N VAL B 111 -0.82 33.21 4.29
CA VAL B 111 -1.73 33.40 3.17
C VAL B 111 -2.93 34.19 3.71
N THR B 112 -3.41 35.12 2.88
CA THR B 112 -4.53 35.97 3.23
C THR B 112 -5.83 35.36 2.70
N TYR B 113 -6.55 34.70 3.60
CA TYR B 113 -7.80 34.05 3.26
C TYR B 113 -8.96 35.04 3.25
N TYR B 114 -9.57 35.20 2.08
CA TYR B 114 -10.76 36.02 1.90
C TYR B 114 -12.00 35.17 1.74
N LYS B 115 -12.88 35.16 2.75
CA LYS B 115 -14.11 34.41 2.64
C LYS B 115 -15.17 35.24 1.92
N GLY B 116 -15.32 34.97 0.63
CA GLY B 116 -16.25 35.71 -0.21
C GLY B 116 -16.04 35.38 -1.68
N ASN B 117 -16.90 35.87 -2.57
CA ASN B 117 -16.78 35.55 -3.98
C ASN B 117 -15.84 36.50 -4.69
N GLY B 118 -14.97 35.92 -5.51
CA GLY B 118 -13.98 36.64 -6.29
C GLY B 118 -14.45 36.81 -7.72
N SER B 119 -14.18 37.99 -8.26
CA SER B 119 -14.61 38.37 -9.59
C SER B 119 -13.61 39.26 -10.29
N PHE B 120 -13.75 39.42 -11.61
CA PHE B 120 -12.89 40.34 -12.32
C PHE B 120 -13.50 41.71 -12.45
N GLU B 121 -12.80 42.71 -11.91
CA GLU B 121 -13.16 44.11 -12.11
C GLU B 121 -12.79 44.39 -13.55
N ASP B 122 -11.48 44.24 -13.76
CA ASP B 122 -10.86 44.26 -15.06
C ASP B 122 -9.73 43.24 -14.98
N GLU B 123 -8.96 43.08 -16.05
CA GLU B 123 -7.88 42.10 -16.06
C GLU B 123 -6.80 42.32 -15.00
N THR B 124 -6.56 43.58 -14.57
CA THR B 124 -5.57 43.87 -13.55
C THR B 124 -6.04 43.72 -12.10
N LYS B 125 -7.36 43.62 -11.83
CA LYS B 125 -7.83 43.48 -10.47
C LYS B 125 -9.09 42.67 -10.23
N ILE B 126 -9.19 42.22 -8.97
CA ILE B 126 -10.24 41.33 -8.48
C ILE B 126 -11.14 41.98 -7.42
N ARG B 127 -12.43 41.64 -7.38
CA ARG B 127 -13.33 42.10 -6.34
C ARG B 127 -13.88 40.96 -5.49
N VAL B 128 -13.68 41.05 -4.17
CA VAL B 128 -14.24 40.09 -3.25
C VAL B 128 -15.52 40.65 -2.65
N THR B 129 -16.67 40.16 -3.14
CA THR B 129 -17.95 40.55 -2.58
C THR B 129 -18.24 39.73 -1.32
N PRO B 130 -18.90 40.25 -0.28
CA PRO B 130 -19.47 39.45 0.81
C PRO B 130 -20.54 38.46 0.33
N VAL B 131 -20.58 37.28 0.96
CA VAL B 131 -21.49 36.22 0.57
C VAL B 131 -22.89 36.28 1.21
N ASP B 132 -23.20 35.50 2.25
CA ASP B 132 -24.52 35.51 2.88
C ASP B 132 -24.43 35.00 4.31
N GLY B 133 -24.57 33.69 4.57
CA GLY B 133 -24.46 33.16 5.92
C GLY B 133 -23.04 32.67 6.20
N LEU B 134 -22.06 33.33 5.59
CA LEU B 134 -20.66 32.99 5.71
C LEU B 134 -20.04 33.68 6.91
N GLU B 135 -19.51 32.83 7.80
CA GLU B 135 -18.84 33.26 9.03
C GLU B 135 -17.49 33.91 8.76
N GLY B 136 -17.52 35.19 8.39
CA GLY B 136 -16.30 35.91 8.06
C GLY B 136 -16.34 36.47 6.65
N THR B 137 -17.56 36.62 6.07
CA THR B 137 -17.72 37.16 4.73
C THR B 137 -17.34 38.64 4.71
N VAL B 138 -16.07 38.85 4.34
CA VAL B 138 -15.37 40.14 4.30
C VAL B 138 -16.19 41.42 4.21
N LYS B 139 -16.52 41.90 5.44
CA LYS B 139 -17.32 43.08 5.76
C LYS B 139 -18.14 43.75 4.65
N GLU B 140 -17.38 44.38 3.74
CA GLU B 140 -17.88 44.94 2.50
C GLU B 140 -16.81 44.72 1.44
N ASP B 141 -17.15 44.93 0.15
CA ASP B 141 -16.26 44.69 -0.98
C ASP B 141 -14.76 45.01 -0.86
N HIS B 142 -13.94 44.16 -1.46
CA HIS B 142 -12.50 44.40 -1.52
C HIS B 142 -12.10 44.42 -2.98
N ILE B 143 -11.18 45.30 -3.34
CA ILE B 143 -10.74 45.37 -4.72
C ILE B 143 -9.23 45.21 -4.64
N LEU B 144 -8.80 43.99 -4.94
CA LEU B 144 -7.38 43.66 -4.88
C LEU B 144 -6.61 43.94 -6.16
N ASP B 145 -5.63 44.83 -6.02
CA ASP B 145 -4.74 45.17 -7.11
C ASP B 145 -3.67 44.08 -7.14
N VAL B 146 -3.84 43.19 -8.10
CA VAL B 146 -2.97 42.05 -8.24
C VAL B 146 -2.15 41.97 -9.51
N LYS B 147 -0.91 41.51 -9.30
CA LYS B 147 0.05 41.34 -10.38
C LYS B 147 -0.21 40.09 -11.19
N ASN B 148 -0.60 39.02 -10.49
CA ASN B 148 -0.90 37.74 -11.10
C ASN B 148 -2.16 37.15 -10.49
N ILE B 149 -2.99 36.62 -11.39
CA ILE B 149 -4.25 36.02 -11.01
C ILE B 149 -4.27 34.56 -11.42
N ILE B 150 -4.56 33.65 -10.48
CA ILE B 150 -4.69 32.24 -10.79
C ILE B 150 -6.14 31.91 -10.55
N VAL B 151 -6.76 31.28 -11.54
CA VAL B 151 -8.17 30.94 -11.47
C VAL B 151 -8.33 29.46 -11.22
N ALA B 152 -8.72 29.14 -9.99
CA ALA B 152 -8.94 27.75 -9.63
C ALA B 152 -10.37 27.53 -9.18
N THR B 153 -11.31 28.06 -9.96
CA THR B 153 -12.74 27.96 -9.65
C THR B 153 -13.32 26.57 -9.72
N GLY B 154 -12.61 25.62 -10.33
CA GLY B 154 -13.01 24.22 -10.29
C GLY B 154 -14.20 23.76 -11.11
N SER B 155 -15.08 23.02 -10.42
CA SER B 155 -16.21 22.40 -11.07
C SER B 155 -17.49 22.25 -10.27
N GLU B 156 -18.49 21.69 -10.96
CA GLU B 156 -19.82 21.49 -10.39
C GLU B 156 -20.45 20.26 -11.06
N VAL B 157 -21.45 19.67 -10.42
CA VAL B 157 -22.12 18.51 -10.98
C VAL B 157 -22.85 18.89 -12.26
N THR B 158 -22.71 18.05 -13.29
CA THR B 158 -23.42 18.22 -14.55
C THR B 158 -24.83 17.68 -14.31
N PRO B 159 -25.88 18.52 -14.34
CA PRO B 159 -27.26 18.09 -14.18
C PRO B 159 -27.78 17.34 -15.39
N PHE B 160 -28.49 16.23 -15.17
CA PHE B 160 -29.09 15.49 -16.27
C PHE B 160 -30.37 16.25 -16.60
N PRO B 161 -30.53 16.73 -17.84
CA PRO B 161 -31.70 17.51 -18.26
C PRO B 161 -33.03 16.75 -18.21
N GLY B 162 -33.90 17.30 -17.36
CA GLY B 162 -35.21 16.73 -17.12
C GLY B 162 -35.32 16.08 -15.75
N ILE B 163 -34.21 16.09 -14.99
CA ILE B 163 -34.20 15.49 -13.66
C ILE B 163 -33.90 16.58 -12.63
N GLU B 164 -34.87 16.69 -11.71
CA GLU B 164 -34.83 17.66 -10.61
C GLU B 164 -33.95 17.20 -9.47
N ILE B 165 -32.74 17.74 -9.35
CA ILE B 165 -31.84 17.30 -8.30
C ILE B 165 -32.12 18.00 -6.96
N ASP B 166 -32.98 17.32 -6.22
CA ASP B 166 -33.29 17.68 -4.86
C ASP B 166 -32.39 16.79 -4.03
N GLU B 167 -31.65 17.33 -3.06
CA GLU B 167 -30.72 16.54 -2.27
C GLU B 167 -31.33 15.65 -1.18
N GLU B 168 -32.37 14.89 -1.59
CA GLU B 168 -33.13 14.06 -0.69
C GLU B 168 -33.49 12.76 -1.40
N LYS B 169 -34.21 12.85 -2.53
CA LYS B 169 -34.60 11.66 -3.27
C LYS B 169 -33.90 11.57 -4.62
N ILE B 170 -33.65 12.68 -5.31
CA ILE B 170 -32.89 12.63 -6.54
C ILE B 170 -31.59 13.37 -6.22
N VAL B 171 -30.68 12.63 -5.62
CA VAL B 171 -29.39 13.17 -5.19
C VAL B 171 -28.28 13.19 -6.24
N SER B 172 -27.28 14.03 -5.99
CA SER B 172 -26.06 14.09 -6.78
C SER B 172 -24.99 13.46 -5.89
N SER B 173 -23.69 13.54 -6.24
CA SER B 173 -22.66 12.96 -5.40
C SER B 173 -22.67 13.54 -3.99
N THR B 174 -22.83 14.87 -3.83
CA THR B 174 -22.94 15.57 -2.55
C THR B 174 -24.11 15.04 -1.71
N GLY B 175 -25.22 14.71 -2.38
CA GLY B 175 -26.40 14.23 -1.70
C GLY B 175 -26.17 12.86 -1.08
N ALA B 176 -25.68 11.95 -1.94
CA ALA B 176 -25.36 10.59 -1.54
C ALA B 176 -24.25 10.51 -0.50
N LEU B 177 -23.44 11.57 -0.39
CA LEU B 177 -22.42 11.64 0.64
C LEU B 177 -23.02 11.81 2.03
N SER B 178 -24.12 12.56 2.14
CA SER B 178 -24.72 12.84 3.44
C SER B 178 -26.05 12.15 3.76
N LEU B 179 -26.38 11.10 2.98
CA LEU B 179 -27.59 10.31 3.15
C LEU B 179 -27.69 9.73 4.54
N LYS B 180 -28.76 10.15 5.22
CA LYS B 180 -28.99 9.78 6.61
C LYS B 180 -29.52 8.38 6.87
N GLU B 181 -30.08 7.74 5.85
CA GLU B 181 -30.54 6.36 5.94
C GLU B 181 -30.14 5.66 4.66
N ILE B 182 -29.88 4.36 4.81
CA ILE B 182 -29.47 3.52 3.70
C ILE B 182 -30.74 3.15 2.92
N PRO B 183 -30.84 3.53 1.64
CA PRO B 183 -31.99 3.23 0.79
C PRO B 183 -32.13 1.76 0.44
N LYS B 184 -33.37 1.29 0.23
CA LYS B 184 -33.60 -0.10 -0.18
C LYS B 184 -33.05 -0.37 -1.57
N ARG B 185 -33.17 0.64 -2.42
CA ARG B 185 -32.69 0.58 -3.79
C ARG B 185 -31.93 1.86 -4.07
N LEU B 186 -30.89 1.76 -4.90
CA LEU B 186 -30.12 2.94 -5.29
C LEU B 186 -29.82 2.83 -6.77
N THR B 187 -30.53 3.61 -7.59
CA THR B 187 -30.23 3.65 -9.00
C THR B 187 -29.32 4.85 -9.24
N ILE B 188 -28.19 4.52 -9.86
CA ILE B 188 -27.14 5.46 -10.19
C ILE B 188 -27.16 5.69 -11.69
N ILE B 189 -27.05 6.95 -12.14
CA ILE B 189 -26.95 7.21 -13.56
C ILE B 189 -25.61 7.92 -13.73
N GLY B 190 -24.71 7.03 -14.12
CA GLY B 190 -23.32 7.37 -14.34
C GLY B 190 -22.44 6.22 -13.86
N GLY B 191 -21.86 5.52 -14.84
CA GLY B 191 -20.97 4.41 -14.55
C GLY B 191 -19.53 4.84 -14.32
N GLY B 192 -19.20 6.12 -14.12
CA GLY B 192 -17.83 6.55 -13.91
C GLY B 192 -17.26 6.20 -12.55
N ILE B 193 -16.12 6.78 -12.21
CA ILE B 193 -15.45 6.50 -10.95
C ILE B 193 -16.27 6.93 -9.73
N ILE B 194 -16.84 8.14 -9.78
CA ILE B 194 -17.64 8.69 -8.69
C ILE B 194 -18.87 7.83 -8.40
N GLY B 195 -19.64 7.51 -9.45
CA GLY B 195 -20.86 6.71 -9.31
C GLY B 195 -20.63 5.28 -8.84
N LEU B 196 -19.51 4.70 -9.28
CA LEU B 196 -19.13 3.36 -8.91
C LEU B 196 -18.64 3.26 -7.47
N GLU B 197 -17.91 4.27 -6.95
CA GLU B 197 -17.48 4.25 -5.55
C GLU B 197 -18.68 4.40 -4.61
N MET B 198 -19.66 5.22 -5.03
CA MET B 198 -20.90 5.45 -4.29
C MET B 198 -21.84 4.26 -4.32
N GLY B 199 -21.68 3.47 -5.38
CA GLY B 199 -22.40 2.21 -5.54
C GLY B 199 -21.84 1.16 -4.59
N SER B 200 -20.50 1.17 -4.45
CA SER B 200 -19.80 0.26 -3.57
C SER B 200 -20.17 0.52 -2.12
N VAL B 201 -20.18 1.80 -1.70
CA VAL B 201 -20.52 2.19 -0.34
C VAL B 201 -21.86 1.63 0.09
N TYR B 202 -22.90 1.93 -0.69
CA TYR B 202 -24.25 1.52 -0.35
C TYR B 202 -24.61 0.09 -0.65
N SER B 203 -23.95 -0.57 -1.60
CA SER B 203 -24.18 -2.00 -1.80
C SER B 203 -23.64 -2.75 -0.58
N ARG B 204 -22.54 -2.22 0.00
CA ARG B 204 -21.92 -2.76 1.20
C ARG B 204 -22.76 -2.54 2.45
N LEU B 205 -23.55 -1.46 2.48
CA LEU B 205 -24.39 -1.13 3.62
C LEU B 205 -25.79 -1.72 3.66
N GLY B 206 -26.39 -2.04 2.51
CA GLY B 206 -27.72 -2.63 2.50
C GLY B 206 -28.53 -2.39 1.24
N SER B 207 -28.11 -1.41 0.42
CA SER B 207 -28.82 -1.07 -0.81
C SER B 207 -28.58 -2.00 -1.99
N LYS B 208 -29.66 -2.21 -2.75
CA LYS B 208 -29.57 -2.94 -3.98
C LYS B 208 -29.33 -1.88 -5.03
N VAL B 209 -28.05 -1.81 -5.41
CA VAL B 209 -27.56 -0.86 -6.38
C VAL B 209 -27.74 -1.34 -7.82
N THR B 210 -28.12 -0.39 -8.67
CA THR B 210 -28.27 -0.61 -10.09
C THR B 210 -27.59 0.59 -10.72
N VAL B 211 -26.53 0.38 -11.49
CA VAL B 211 -25.83 1.46 -12.16
C VAL B 211 -26.34 1.50 -13.60
N VAL B 212 -26.58 2.69 -14.14
CA VAL B 212 -27.05 2.88 -15.51
C VAL B 212 -26.03 3.74 -16.24
N GLU B 213 -25.53 3.23 -17.36
CA GLU B 213 -24.55 3.94 -18.15
C GLU B 213 -24.90 3.86 -19.63
N PHE B 214 -24.87 5.04 -20.27
CA PHE B 214 -25.17 5.19 -21.68
C PHE B 214 -24.29 4.35 -22.59
N GLN B 215 -22.97 4.40 -22.39
CA GLN B 215 -22.05 3.67 -23.24
C GLN B 215 -21.84 2.21 -22.81
N PRO B 216 -21.31 1.30 -23.67
CA PRO B 216 -21.16 -0.13 -23.41
C PRO B 216 -20.02 -0.55 -22.48
N GLN B 217 -19.47 0.40 -21.71
CA GLN B 217 -18.33 0.13 -20.85
C GLN B 217 -18.39 1.06 -19.65
N ILE B 218 -18.06 0.54 -18.45
CA ILE B 218 -18.05 1.39 -17.26
C ILE B 218 -16.69 2.01 -16.92
N GLY B 219 -16.78 3.13 -16.20
CA GLY B 219 -15.65 3.92 -15.71
C GLY B 219 -14.68 4.32 -16.81
N ALA B 220 -15.23 4.71 -17.97
CA ALA B 220 -14.40 4.90 -19.15
C ALA B 220 -13.49 6.11 -19.36
N SER B 221 -12.32 5.63 -18.96
CA SER B 221 -10.99 6.20 -19.06
C SER B 221 -10.02 5.02 -18.84
N MET B 222 -10.61 3.86 -18.47
CA MET B 222 -9.97 2.60 -18.20
C MET B 222 -9.58 1.86 -19.46
N ASP B 223 -8.71 0.88 -19.19
CA ASP B 223 -8.29 -0.11 -20.17
C ASP B 223 -9.45 -1.06 -20.41
N GLY B 224 -9.46 -1.72 -21.58
CA GLY B 224 -10.53 -2.64 -21.95
C GLY B 224 -10.67 -3.83 -21.01
N GLU B 225 -9.51 -4.40 -20.66
CA GLU B 225 -9.46 -5.56 -19.78
C GLU B 225 -9.81 -5.17 -18.35
N VAL B 226 -9.30 -4.01 -17.92
CA VAL B 226 -9.58 -3.49 -16.58
C VAL B 226 -11.05 -3.17 -16.42
N ALA B 227 -11.69 -2.63 -17.46
CA ALA B 227 -13.10 -2.28 -17.42
C ALA B 227 -14.04 -3.49 -17.48
N LYS B 228 -13.62 -4.57 -18.14
CA LYS B 228 -14.41 -5.80 -18.17
C LYS B 228 -14.35 -6.49 -16.82
N ALA B 229 -13.17 -6.43 -16.20
CA ALA B 229 -12.91 -7.03 -14.92
C ALA B 229 -13.43 -6.24 -13.72
N THR B 230 -13.54 -4.90 -13.86
CA THR B 230 -14.09 -4.04 -12.81
C THR B 230 -15.60 -4.24 -12.72
N GLN B 231 -16.23 -4.41 -13.89
CA GLN B 231 -17.66 -4.68 -13.96
C GLN B 231 -17.96 -6.05 -13.37
N LYS B 232 -17.06 -7.03 -13.57
CA LYS B 232 -17.24 -8.37 -13.06
C LYS B 232 -17.14 -8.44 -11.54
N PHE B 233 -16.15 -7.80 -10.89
CA PHE B 233 -16.07 -7.87 -9.44
C PHE B 233 -17.12 -7.02 -8.76
N LEU B 234 -17.59 -5.94 -9.38
CA LEU B 234 -18.65 -5.13 -8.79
C LEU B 234 -19.99 -5.82 -8.90
N LYS B 235 -20.20 -6.59 -9.98
CA LYS B 235 -21.40 -7.40 -10.16
C LYS B 235 -21.41 -8.52 -9.13
N LYS B 236 -20.21 -9.01 -8.85
CA LYS B 236 -19.98 -10.05 -7.86
C LYS B 236 -20.31 -9.49 -6.47
N GLN B 237 -20.02 -8.20 -6.25
CA GLN B 237 -20.34 -7.55 -4.98
C GLN B 237 -21.82 -7.21 -4.79
N GLY B 238 -22.63 -7.30 -5.85
CA GLY B 238 -24.07 -7.05 -5.75
C GLY B 238 -24.57 -5.83 -6.50
N LEU B 239 -23.80 -5.29 -7.45
CA LEU B 239 -24.24 -4.15 -8.25
C LEU B 239 -24.68 -4.60 -9.62
N ASP B 240 -25.92 -4.24 -9.98
CA ASP B 240 -26.46 -4.55 -11.29
C ASP B 240 -25.98 -3.55 -12.31
N PHE B 241 -25.91 -3.93 -13.59
CA PHE B 241 -25.45 -3.02 -14.61
C PHE B 241 -26.37 -2.93 -15.84
N LYS B 242 -26.73 -1.66 -16.10
CA LYS B 242 -27.58 -1.27 -17.22
C LYS B 242 -26.73 -0.52 -18.25
N LEU B 243 -25.84 -1.27 -18.91
CA LEU B 243 -24.98 -0.71 -19.94
C LEU B 243 -25.72 -0.59 -21.26
N SER B 244 -25.27 0.42 -22.02
CA SER B 244 -25.88 0.83 -23.29
C SER B 244 -27.33 1.23 -23.03
N THR B 245 -27.54 1.96 -21.94
CA THR B 245 -28.86 2.37 -21.50
C THR B 245 -28.86 3.83 -21.09
N LYS B 246 -29.82 4.58 -21.65
CA LYS B 246 -30.02 5.98 -21.32
C LYS B 246 -31.28 6.22 -20.52
N VAL B 247 -31.26 7.24 -19.66
CA VAL B 247 -32.44 7.59 -18.90
C VAL B 247 -33.24 8.59 -19.71
N ILE B 248 -34.49 8.17 -19.93
CA ILE B 248 -35.49 8.95 -20.63
C ILE B 248 -36.07 9.96 -19.65
N SER B 249 -36.66 9.45 -18.57
CA SER B 249 -37.29 10.30 -17.57
C SER B 249 -37.19 9.72 -16.17
N ALA B 250 -37.17 10.60 -15.19
CA ALA B 250 -37.12 10.22 -13.79
C ALA B 250 -37.81 11.28 -12.97
N LYS B 251 -38.84 10.83 -12.25
CA LYS B 251 -39.67 11.73 -11.46
C LYS B 251 -39.92 11.17 -10.08
N ARG B 252 -39.69 12.06 -9.10
CA ARG B 252 -39.92 11.75 -7.70
C ARG B 252 -41.40 11.62 -7.40
N ASN B 253 -41.75 10.52 -6.74
CA ASN B 253 -43.11 10.29 -6.31
C ASN B 253 -43.09 10.24 -4.79
N ASP B 254 -44.06 10.91 -4.15
CA ASP B 254 -44.15 10.86 -2.70
C ASP B 254 -45.38 10.10 -2.22
N ASP B 255 -46.27 9.77 -3.17
CA ASP B 255 -47.39 8.88 -2.93
C ASP B 255 -46.73 7.55 -3.30
N LYS B 256 -46.00 7.07 -2.27
CA LYS B 256 -45.03 5.96 -2.26
C LYS B 256 -43.72 6.63 -2.67
N ASN B 257 -42.79 6.71 -1.71
CA ASN B 257 -41.51 7.42 -1.85
C ASN B 257 -40.54 6.73 -2.81
N VAL B 258 -40.81 6.84 -4.11
CA VAL B 258 -40.01 6.20 -5.13
C VAL B 258 -39.73 7.08 -6.34
N VAL B 259 -38.46 7.13 -6.75
CA VAL B 259 -38.09 7.84 -7.97
C VAL B 259 -38.33 6.83 -9.08
N GLU B 260 -39.31 7.16 -9.92
CA GLU B 260 -39.69 6.28 -11.00
C GLU B 260 -38.89 6.61 -12.25
N ILE B 261 -37.80 5.85 -12.39
CA ILE B 261 -36.90 6.00 -13.53
C ILE B 261 -37.47 5.23 -14.72
N VAL B 262 -37.24 5.75 -15.92
CA VAL B 262 -37.68 5.16 -17.16
C VAL B 262 -36.43 5.16 -18.02
N VAL B 263 -35.96 3.96 -18.33
CA VAL B 263 -34.74 3.79 -19.12
C VAL B 263 -35.03 3.20 -20.50
N GLU B 264 -34.01 3.20 -21.36
CA GLU B 264 -34.13 2.69 -22.71
C GLU B 264 -32.80 2.13 -23.17
N ASP B 265 -32.80 0.89 -23.68
CA ASP B 265 -31.57 0.29 -24.16
C ASP B 265 -31.30 0.77 -25.59
N THR B 266 -30.20 1.53 -25.74
CA THR B 266 -29.79 2.15 -27.00
C THR B 266 -29.72 1.25 -28.24
N LYS B 267 -29.46 -0.04 -28.03
CA LYS B 267 -29.48 -1.02 -29.12
C LYS B 267 -30.74 -1.83 -28.89
N THR B 268 -31.66 -1.76 -29.87
CA THR B 268 -33.01 -2.34 -29.80
C THR B 268 -33.72 -1.62 -28.65
N ASN B 269 -34.16 -0.43 -29.06
CA ASN B 269 -34.75 0.56 -28.17
C ASN B 269 -36.11 0.20 -27.58
N LYS B 270 -36.14 -0.22 -26.32
CA LYS B 270 -37.42 -0.45 -25.67
C LYS B 270 -37.35 -0.13 -24.19
N GLN B 271 -38.34 0.70 -23.88
CA GLN B 271 -38.59 1.28 -22.56
C GLN B 271 -38.86 0.31 -21.42
N GLU B 272 -38.23 0.62 -20.27
CA GLU B 272 -38.41 -0.16 -19.06
C GLU B 272 -38.65 0.78 -17.90
N ASN B 273 -39.61 0.41 -17.05
CA ASN B 273 -39.99 1.22 -15.90
C ASN B 273 -39.31 0.77 -14.61
N LEU B 274 -38.18 1.43 -14.34
CA LEU B 274 -37.38 1.19 -13.15
C LEU B 274 -37.88 1.96 -11.95
N GLU B 275 -37.44 1.51 -10.77
CA GLU B 275 -37.84 2.14 -9.53
C GLU B 275 -36.67 2.15 -8.55
N ALA B 276 -36.62 3.18 -7.70
CA ALA B 276 -35.59 3.34 -6.70
C ALA B 276 -36.05 4.18 -5.52
N GLU B 277 -35.31 4.13 -4.42
CA GLU B 277 -35.63 4.98 -3.28
C GLU B 277 -34.92 6.31 -3.50
N VAL B 278 -33.61 6.26 -3.79
CA VAL B 278 -32.87 7.45 -4.18
C VAL B 278 -32.27 7.25 -5.56
N LEU B 279 -31.98 8.35 -6.24
CA LEU B 279 -31.40 8.30 -7.57
C LEU B 279 -30.18 9.19 -7.59
N LEU B 280 -29.03 8.54 -7.69
CA LEU B 280 -27.78 9.27 -7.84
C LEU B 280 -27.68 9.71 -9.29
N VAL B 281 -27.34 10.99 -9.46
CA VAL B 281 -27.15 11.58 -10.76
C VAL B 281 -25.70 12.05 -10.80
N ALA B 282 -24.88 11.12 -11.29
CA ALA B 282 -23.44 11.34 -11.39
C ALA B 282 -22.97 11.11 -12.81
N VAL B 283 -23.61 11.89 -13.70
CA VAL B 283 -23.32 11.86 -15.13
C VAL B 283 -21.96 12.46 -15.40
N GLY B 284 -21.56 13.46 -14.60
CA GLY B 284 -20.26 14.08 -14.74
C GLY B 284 -20.07 15.30 -13.85
N ARG B 285 -19.01 16.03 -14.19
CA ARG B 285 -18.69 17.30 -13.54
C ARG B 285 -18.20 18.24 -14.63
N ARG B 286 -18.84 19.40 -14.74
CA ARG B 286 -18.45 20.39 -15.73
C ARG B 286 -17.83 21.61 -15.06
N PRO B 287 -16.99 22.42 -15.72
CA PRO B 287 -16.41 23.65 -15.16
C PRO B 287 -17.38 24.66 -14.59
N TYR B 288 -16.90 25.40 -13.58
CA TYR B 288 -17.70 26.41 -12.92
C TYR B 288 -17.05 27.78 -13.07
N ILE B 289 -17.59 28.57 -14.02
CA ILE B 289 -17.12 29.94 -14.24
C ILE B 289 -18.12 30.97 -13.72
N ALA B 290 -19.21 30.50 -13.10
CA ALA B 290 -20.26 31.37 -12.59
C ALA B 290 -19.81 32.25 -11.44
N GLY B 291 -20.16 33.53 -11.59
CA GLY B 291 -19.82 34.54 -10.60
C GLY B 291 -18.36 34.99 -10.67
N LEU B 292 -17.58 34.48 -11.62
CA LEU B 292 -16.19 34.84 -11.76
C LEU B 292 -15.98 36.15 -12.52
N GLY B 293 -16.86 36.45 -13.49
CA GLY B 293 -16.71 37.65 -14.30
C GLY B 293 -15.66 37.45 -15.39
N ALA B 294 -15.56 36.22 -15.92
CA ALA B 294 -14.61 35.88 -16.98
C ALA B 294 -14.98 36.56 -18.29
N GLU B 295 -16.27 36.41 -18.59
CA GLU B 295 -16.93 37.00 -19.75
C GLU B 295 -16.75 38.51 -19.84
N LYS B 296 -16.66 39.19 -18.68
CA LYS B 296 -16.46 40.62 -18.61
C LYS B 296 -15.15 41.10 -19.22
N ILE B 297 -14.05 40.34 -19.02
CA ILE B 297 -12.78 40.68 -19.65
C ILE B 297 -12.53 39.91 -20.94
N GLY B 298 -13.47 39.03 -21.30
CA GLY B 298 -13.42 38.29 -22.54
C GLY B 298 -12.55 37.04 -22.50
N LEU B 299 -12.42 36.43 -21.31
CA LEU B 299 -11.63 35.22 -21.12
C LEU B 299 -12.23 34.07 -21.94
N GLU B 300 -11.38 33.48 -22.78
CA GLU B 300 -11.80 32.44 -23.71
C GLU B 300 -12.22 31.14 -23.05
N VAL B 301 -13.46 30.79 -23.39
CA VAL B 301 -14.13 29.60 -22.92
C VAL B 301 -14.48 28.81 -24.18
N ASP B 302 -14.17 27.51 -24.21
CA ASP B 302 -14.53 26.69 -25.35
C ASP B 302 -15.96 26.16 -25.27
N LYS B 303 -16.32 25.36 -26.28
CA LYS B 303 -17.66 24.81 -26.40
C LYS B 303 -18.03 23.80 -25.33
N ARG B 304 -17.02 23.24 -24.66
CA ARG B 304 -17.22 22.29 -23.57
C ARG B 304 -17.33 22.99 -22.21
N GLY B 305 -17.15 24.32 -22.19
CA GLY B 305 -17.29 25.11 -20.97
C GLY B 305 -15.99 25.36 -20.23
N ARG B 306 -14.88 24.82 -20.74
CA ARG B 306 -13.60 24.98 -20.09
C ARG B 306 -12.96 26.32 -20.40
N LEU B 307 -12.28 26.86 -19.40
CA LEU B 307 -11.59 28.11 -19.56
C LEU B 307 -10.24 27.78 -20.20
N VAL B 308 -10.17 28.09 -21.50
CA VAL B 308 -9.00 27.85 -22.34
C VAL B 308 -7.72 28.57 -21.91
N ILE B 309 -6.65 27.78 -21.97
CA ILE B 309 -5.30 28.21 -21.62
C ILE B 309 -4.26 27.73 -22.64
N ASP B 310 -3.00 28.11 -22.46
CA ASP B 310 -1.92 27.60 -23.28
C ASP B 310 -1.11 26.56 -22.51
N ASP B 311 0.05 26.17 -23.04
CA ASP B 311 0.93 25.19 -22.40
C ASP B 311 1.45 25.63 -21.03
N GLN B 312 1.65 26.94 -20.88
CA GLN B 312 2.13 27.56 -19.66
C GLN B 312 1.03 28.05 -18.72
N PHE B 313 -0.20 27.54 -18.90
CA PHE B 313 -1.39 27.87 -18.12
C PHE B 313 -2.01 29.26 -18.25
N ASN B 314 -1.38 30.22 -18.95
CA ASN B 314 -1.93 31.57 -19.15
C ASN B 314 -3.19 31.55 -20.00
N SER B 315 -4.10 32.50 -19.76
CA SER B 315 -5.30 32.65 -20.58
C SER B 315 -4.93 33.58 -21.74
N LYS B 316 -5.82 34.39 -22.34
CA LYS B 316 -5.37 35.31 -23.37
C LYS B 316 -4.56 36.45 -22.75
N PHE B 317 -4.84 36.73 -21.48
CA PHE B 317 -4.08 37.69 -20.69
C PHE B 317 -2.96 36.91 -20.01
N PRO B 318 -1.69 37.30 -20.25
CA PRO B 318 -0.50 36.56 -19.84
C PRO B 318 -0.20 36.39 -18.36
N HIS B 319 -0.92 37.14 -17.52
CA HIS B 319 -0.74 37.09 -16.09
C HIS B 319 -1.89 36.39 -15.37
N ILE B 320 -2.89 35.98 -16.14
CA ILE B 320 -4.04 35.27 -15.59
C ILE B 320 -3.92 33.79 -15.94
N LYS B 321 -3.37 33.04 -14.98
CA LYS B 321 -3.30 31.58 -15.06
C LYS B 321 -4.65 30.97 -14.74
N VAL B 322 -4.93 29.79 -15.30
CA VAL B 322 -6.16 29.08 -15.01
C VAL B 322 -5.75 27.63 -14.83
N VAL B 323 -5.97 27.12 -13.61
CA VAL B 323 -5.62 25.76 -13.25
C VAL B 323 -6.81 25.00 -12.64
N GLY B 324 -6.66 23.69 -12.41
CA GLY B 324 -7.70 22.89 -11.80
C GLY B 324 -8.72 22.30 -12.77
N ASP B 325 -9.91 22.01 -12.23
CA ASP B 325 -11.01 21.41 -12.97
C ASP B 325 -11.68 22.31 -13.99
N VAL B 326 -11.57 23.64 -13.80
CA VAL B 326 -12.17 24.60 -14.71
C VAL B 326 -11.49 24.64 -16.07
N THR B 327 -10.21 24.26 -16.16
CA THR B 327 -9.47 24.25 -17.41
C THR B 327 -9.29 22.84 -18.01
N PHE B 328 -8.38 22.64 -18.97
CA PHE B 328 -8.15 21.33 -19.60
C PHE B 328 -7.47 20.30 -18.70
N GLY B 329 -7.66 19.03 -19.07
CA GLY B 329 -7.06 17.92 -18.34
C GLY B 329 -8.08 17.13 -17.54
N PRO B 330 -7.73 15.95 -17.02
CA PRO B 330 -8.59 15.12 -16.16
C PRO B 330 -8.98 15.78 -14.84
N MET B 331 -10.22 15.54 -14.42
CA MET B 331 -10.73 16.17 -13.21
C MET B 331 -10.36 15.40 -11.95
N LEU B 332 -9.07 15.55 -11.62
CA LEU B 332 -8.46 14.87 -10.49
C LEU B 332 -7.73 15.88 -9.62
N ALA B 333 -7.86 15.63 -8.31
CA ALA B 333 -7.30 16.49 -7.29
C ALA B 333 -5.79 16.64 -7.35
N HIS B 334 -5.09 15.53 -7.61
CA HIS B 334 -3.64 15.53 -7.73
C HIS B 334 -3.15 16.19 -9.01
N LYS B 335 -3.96 16.10 -10.07
CA LYS B 335 -3.68 16.77 -11.33
C LYS B 335 -3.76 18.27 -11.09
N ALA B 336 -4.84 18.66 -10.39
CA ALA B 336 -5.10 20.03 -10.00
C ALA B 336 -3.99 20.60 -9.13
N GLU B 337 -3.54 19.83 -8.13
CA GLU B 337 -2.45 20.26 -7.26
C GLU B 337 -1.16 20.46 -8.01
N GLU B 338 -0.87 19.59 -8.98
CA GLU B 338 0.33 19.72 -9.80
C GLU B 338 0.28 20.97 -10.67
N GLU B 339 -0.91 21.26 -11.20
CA GLU B 339 -1.13 22.46 -11.99
C GLU B 339 -1.01 23.70 -11.11
N GLY B 340 -1.40 23.57 -9.83
CA GLY B 340 -1.34 24.66 -8.87
C GLY B 340 0.08 25.06 -8.55
N ILE B 341 0.92 24.03 -8.30
CA ILE B 341 2.32 24.22 -7.98
C ILE B 341 3.10 24.68 -9.20
N ALA B 342 2.73 24.20 -10.39
CA ALA B 342 3.42 24.56 -11.63
C ALA B 342 3.18 25.99 -12.06
N ALA B 343 1.92 26.44 -11.97
CA ALA B 343 1.54 27.80 -12.32
C ALA B 343 2.23 28.81 -11.42
N VAL B 344 2.47 28.42 -10.16
CA VAL B 344 3.16 29.25 -9.18
C VAL B 344 4.68 29.26 -9.36
N GLU B 345 5.30 28.12 -9.64
CA GLU B 345 6.73 28.10 -9.85
C GLU B 345 7.11 28.70 -11.19
N MET B 346 6.16 28.81 -12.14
CA MET B 346 6.37 29.49 -13.40
C MET B 346 6.57 30.99 -13.21
N LEU B 347 5.97 31.55 -12.15
CA LEU B 347 6.11 32.96 -11.82
C LEU B 347 7.52 33.24 -11.28
N LYS B 348 8.15 32.21 -10.70
CA LYS B 348 9.50 32.31 -10.18
C LYS B 348 10.62 31.98 -11.17
N THR B 349 10.39 30.98 -12.01
CA THR B 349 11.42 30.48 -12.94
C THR B 349 11.22 30.88 -14.40
N GLY B 350 9.96 30.95 -14.81
CA GLY B 350 9.63 31.24 -16.20
C GLY B 350 9.26 29.99 -16.98
N HIS B 351 9.38 28.84 -16.32
CA HIS B 351 9.07 27.56 -16.94
C HIS B 351 8.51 26.55 -15.95
N GLY B 352 7.71 25.66 -16.52
CA GLY B 352 7.10 24.62 -15.72
C GLY B 352 6.23 23.75 -16.60
N HIS B 353 6.32 22.45 -16.33
CA HIS B 353 5.53 21.47 -17.04
C HIS B 353 5.03 20.37 -16.13
N VAL B 354 3.80 19.93 -16.43
CA VAL B 354 3.17 18.82 -15.73
C VAL B 354 3.16 17.67 -16.74
N ASN B 355 3.63 16.50 -16.32
CA ASN B 355 3.61 15.33 -17.19
C ASN B 355 2.21 14.73 -17.12
N TYR B 356 1.42 15.04 -18.16
CA TYR B 356 0.05 14.56 -18.25
C TYR B 356 -0.08 13.10 -18.59
N ASN B 357 1.04 12.51 -19.03
CA ASN B 357 1.12 11.10 -19.35
C ASN B 357 1.40 10.29 -18.09
N ASN B 358 1.68 10.97 -16.99
CA ASN B 358 1.97 10.32 -15.73
C ASN B 358 1.03 10.82 -14.63
N ILE B 359 -0.26 10.66 -14.88
CA ILE B 359 -1.27 11.01 -13.90
C ILE B 359 -2.16 9.80 -13.69
N PRO B 360 -2.08 9.19 -12.48
CA PRO B 360 -2.94 8.09 -12.08
C PRO B 360 -4.43 8.42 -11.95
N SER B 361 -5.24 7.38 -11.96
CA SER B 361 -6.67 7.51 -11.81
C SER B 361 -7.04 6.36 -10.92
N VAL B 362 -7.48 6.66 -9.68
CA VAL B 362 -7.78 5.61 -8.72
C VAL B 362 -9.26 5.54 -8.37
N MET B 363 -9.82 4.34 -8.50
CA MET B 363 -11.15 4.06 -7.99
C MET B 363 -10.90 3.37 -6.65
N TYR B 364 -11.40 3.98 -5.57
CA TYR B 364 -11.15 3.47 -4.24
C TYR B 364 -12.14 2.44 -3.74
N SER B 365 -12.62 1.58 -4.64
CA SER B 365 -13.49 0.48 -4.28
C SER B 365 -12.67 -0.66 -3.70
N HIS B 366 -13.26 -1.82 -3.36
CA HIS B 366 -12.44 -2.94 -2.92
C HIS B 366 -12.78 -4.20 -3.69
N PRO B 367 -11.87 -4.69 -4.55
CA PRO B 367 -10.53 -4.15 -4.80
C PRO B 367 -10.39 -2.80 -5.51
N GLU B 368 -9.35 -2.06 -5.13
CA GLU B 368 -9.06 -0.78 -5.74
C GLU B 368 -8.60 -0.92 -7.18
N VAL B 369 -9.05 -0.01 -8.05
CA VAL B 369 -8.61 0.02 -9.43
C VAL B 369 -7.67 1.23 -9.56
N ALA B 370 -6.60 1.18 -10.35
CA ALA B 370 -5.69 2.32 -10.49
C ALA B 370 -4.80 2.18 -11.72
N TRP B 371 -4.78 3.21 -12.56
CA TRP B 371 -3.99 3.18 -13.78
C TRP B 371 -3.29 4.47 -14.14
N VAL B 372 -2.06 4.32 -14.66
CA VAL B 372 -1.25 5.42 -15.11
C VAL B 372 -0.67 5.05 -16.47
N GLY B 373 -0.54 6.04 -17.36
CA GLY B 373 -0.01 5.80 -18.70
C GLY B 373 -1.04 5.29 -19.71
N LYS B 374 -0.46 4.79 -20.82
CA LYS B 374 -1.22 4.30 -21.96
C LYS B 374 -1.93 2.97 -21.76
N THR B 375 -3.18 2.98 -22.20
CA THR B 375 -4.07 1.84 -22.23
C THR B 375 -3.72 0.94 -23.41
N GLU B 376 -4.20 -0.32 -23.47
CA GLU B 376 -3.96 -1.19 -24.61
C GLU B 376 -4.56 -0.62 -25.89
N GLU B 377 -5.78 -0.09 -25.81
CA GLU B 377 -6.46 0.53 -26.94
C GLU B 377 -5.74 1.78 -27.43
N GLN B 378 -5.19 2.57 -26.50
CA GLN B 378 -4.40 3.73 -26.85
C GLN B 378 -3.14 3.31 -27.59
N LEU B 379 -2.62 2.13 -27.32
CA LEU B 379 -1.42 1.65 -27.98
C LEU B 379 -1.66 1.03 -29.36
N LYS B 380 -2.84 0.45 -29.55
CA LYS B 380 -3.23 -0.10 -30.85
C LYS B 380 -3.50 1.00 -31.85
N GLU B 381 -4.12 2.10 -31.39
CA GLU B 381 -4.39 3.26 -32.22
C GLU B 381 -3.14 4.03 -32.60
N ALA B 382 -2.20 4.17 -31.65
CA ALA B 382 -0.95 4.86 -31.93
C ALA B 382 0.02 4.10 -32.80
N GLY B 383 -0.29 2.82 -33.06
CA GLY B 383 0.53 1.96 -33.89
C GLY B 383 1.78 1.47 -33.17
N ILE B 384 1.69 1.38 -31.84
CA ILE B 384 2.79 0.95 -31.00
C ILE B 384 2.65 -0.54 -30.74
N ASP B 385 3.76 -1.23 -31.01
CA ASP B 385 3.83 -2.66 -30.76
C ASP B 385 4.23 -2.75 -29.30
N TYR B 386 3.45 -3.54 -28.57
CA TYR B 386 3.66 -3.66 -27.14
C TYR B 386 3.51 -5.07 -26.58
N LYS B 387 4.31 -5.37 -25.55
CA LYS B 387 4.23 -6.64 -24.84
C LYS B 387 3.48 -6.48 -23.52
N ILE B 388 2.67 -7.50 -23.20
CA ILE B 388 1.85 -7.52 -22.00
C ILE B 388 2.41 -8.46 -20.93
N GLY B 389 2.42 -7.93 -19.69
CA GLY B 389 2.86 -8.66 -18.51
C GLY B 389 1.77 -8.60 -17.47
N LYS B 390 1.32 -9.77 -17.01
CA LYS B 390 0.21 -9.81 -16.07
C LYS B 390 0.50 -10.80 -14.96
N PHE B 391 0.16 -10.39 -13.74
CA PHE B 391 0.36 -11.22 -12.57
C PHE B 391 -0.84 -11.04 -11.66
N PRO B 392 -1.62 -12.09 -11.40
CA PRO B 392 -2.75 -12.05 -10.50
C PRO B 392 -2.40 -11.94 -9.02
N PHE B 393 -3.31 -11.34 -8.23
CA PHE B 393 -3.13 -11.30 -6.79
C PHE B 393 -3.47 -12.61 -6.11
N ALA B 394 -4.00 -13.59 -6.86
CA ALA B 394 -4.24 -14.94 -6.35
C ALA B 394 -2.93 -15.71 -6.15
N ALA B 395 -1.93 -15.33 -6.95
CA ALA B 395 -0.59 -15.89 -6.88
C ALA B 395 0.35 -15.07 -6.00
N ASN B 396 -0.11 -13.93 -5.48
CA ASN B 396 0.69 -13.09 -4.59
C ASN B 396 0.58 -13.59 -3.17
N SER B 397 1.76 -13.62 -2.53
CA SER B 397 1.92 -14.10 -1.18
C SER B 397 1.08 -13.37 -0.15
N ARG B 398 1.25 -12.05 0.07
CA ARG B 398 0.48 -11.35 1.09
C ARG B 398 -1.00 -11.22 0.78
N ALA B 399 -1.41 -11.26 -0.49
CA ALA B 399 -2.83 -11.22 -0.83
C ALA B 399 -3.51 -12.52 -0.43
N LYS B 400 -2.88 -13.66 -0.72
CA LYS B 400 -3.42 -14.97 -0.36
C LYS B 400 -3.44 -15.17 1.16
N THR B 401 -2.43 -14.62 1.82
CA THR B 401 -2.29 -14.67 3.28
C THR B 401 -3.37 -13.85 3.99
N ASN B 402 -3.79 -12.77 3.35
CA ASN B 402 -4.84 -11.91 3.87
C ASN B 402 -6.24 -12.27 3.38
N GLN B 403 -6.37 -13.30 2.53
CA GLN B 403 -7.64 -13.75 1.94
C GLN B 403 -8.35 -12.62 1.16
N ASP B 404 -7.51 -11.99 0.33
CA ASP B 404 -7.89 -10.83 -0.45
C ASP B 404 -7.11 -10.89 -1.76
N THR B 405 -7.51 -11.89 -2.54
CA THR B 405 -6.85 -12.27 -3.78
C THR B 405 -7.43 -11.72 -5.07
N GLU B 406 -8.38 -10.79 -4.98
CA GLU B 406 -9.04 -10.28 -6.17
C GLU B 406 -8.20 -9.29 -6.97
N GLY B 407 -8.08 -9.55 -8.28
CA GLY B 407 -7.39 -8.62 -9.17
C GLY B 407 -6.11 -9.12 -9.82
N PHE B 408 -5.46 -8.21 -10.53
CA PHE B 408 -4.20 -8.47 -11.23
C PHE B 408 -3.37 -7.20 -11.39
N VAL B 409 -2.15 -7.34 -11.89
CA VAL B 409 -1.30 -6.19 -12.19
C VAL B 409 -0.97 -6.34 -13.67
N LYS B 410 -1.10 -5.29 -14.47
CA LYS B 410 -0.81 -5.41 -15.89
C LYS B 410 0.04 -4.29 -16.43
N ILE B 411 1.32 -4.65 -16.60
CA ILE B 411 2.29 -3.75 -17.19
C ILE B 411 2.31 -3.90 -18.71
N LEU B 412 2.15 -2.76 -19.34
CA LEU B 412 2.21 -2.65 -20.78
C LEU B 412 3.54 -2.00 -21.11
N ILE B 413 4.41 -2.74 -21.79
CA ILE B 413 5.72 -2.24 -22.19
C ILE B 413 5.86 -2.23 -23.71
N ASP B 414 6.76 -1.43 -24.25
CA ASP B 414 7.00 -1.42 -25.69
C ASP B 414 7.76 -2.69 -26.07
N SER B 415 7.49 -3.22 -27.26
CA SER B 415 8.21 -4.40 -27.73
C SER B 415 9.65 -4.09 -28.08
N LYS B 416 9.88 -2.89 -28.63
CA LYS B 416 11.21 -2.49 -29.05
C LYS B 416 12.09 -1.97 -27.92
N THR B 417 11.63 -0.99 -27.14
CA THR B 417 12.43 -0.40 -26.07
C THR B 417 12.21 -1.02 -24.70
N GLU B 418 11.13 -1.83 -24.56
CA GLU B 418 10.71 -2.50 -23.34
C GLU B 418 10.43 -1.60 -22.11
N ARG B 419 10.31 -0.28 -22.33
CA ARG B 419 9.99 0.67 -21.27
C ARG B 419 8.50 0.59 -20.97
N ILE B 420 8.11 0.98 -19.75
CA ILE B 420 6.73 0.89 -19.31
C ILE B 420 5.90 2.05 -19.86
N LEU B 421 5.05 1.64 -20.80
CA LEU B 421 4.11 2.53 -21.48
C LEU B 421 2.88 2.84 -20.65
N GLY B 422 2.41 1.82 -19.93
CA GLY B 422 1.26 1.92 -19.06
C GLY B 422 1.30 0.84 -18.00
N ALA B 423 0.51 1.02 -16.96
CA ALA B 423 0.39 0.07 -15.87
C ALA B 423 -1.05 0.14 -15.37
N HIS B 424 -1.67 -1.03 -15.23
CA HIS B 424 -3.08 -1.12 -14.86
C HIS B 424 -3.24 -2.15 -13.75
N ILE B 425 -3.55 -1.64 -12.56
CA ILE B 425 -3.66 -2.47 -11.37
C ILE B 425 -5.06 -2.54 -10.81
N ILE B 426 -5.63 -3.75 -10.76
CA ILE B 426 -6.87 -4.03 -10.02
C ILE B 426 -6.39 -4.86 -8.84
N GLY B 427 -6.80 -4.54 -7.62
CA GLY B 427 -6.38 -5.29 -6.44
C GLY B 427 -6.47 -4.48 -5.16
N PRO B 428 -6.31 -5.09 -3.97
CA PRO B 428 -6.03 -4.40 -2.72
C PRO B 428 -4.81 -3.50 -2.84
N ASN B 429 -4.91 -2.30 -2.27
CA ASN B 429 -3.88 -1.26 -2.28
C ASN B 429 -3.44 -0.74 -3.65
N ALA B 430 -4.16 -1.02 -4.74
CA ALA B 430 -3.76 -0.58 -6.08
C ALA B 430 -3.48 0.90 -6.26
N GLY B 431 -4.15 1.71 -5.43
CA GLY B 431 -3.98 3.16 -5.42
C GLY B 431 -2.64 3.56 -4.83
N GLU B 432 -2.14 2.73 -3.90
CA GLU B 432 -0.83 2.91 -3.28
C GLU B 432 0.27 2.35 -4.17
N MET B 433 -0.04 1.24 -4.85
CA MET B 433 0.91 0.53 -5.69
C MET B 433 1.18 1.25 -7.01
N ILE B 434 0.21 2.04 -7.51
CA ILE B 434 0.41 2.72 -8.78
C ILE B 434 1.47 3.83 -8.68
N ALA B 435 1.83 4.24 -7.46
CA ALA B 435 2.87 5.25 -7.23
C ALA B 435 4.27 4.75 -7.59
N GLU B 436 4.44 3.42 -7.52
CA GLU B 436 5.68 2.76 -7.90
C GLU B 436 5.80 2.78 -9.42
N ALA B 437 4.68 2.53 -10.10
CA ALA B 437 4.60 2.65 -11.55
C ALA B 437 4.78 4.10 -11.98
N GLY B 438 4.40 5.03 -11.10
CA GLY B 438 4.54 6.45 -11.33
C GLY B 438 6.01 6.87 -11.40
N LEU B 439 6.83 6.33 -10.49
CA LEU B 439 8.27 6.57 -10.53
C LEU B 439 8.87 5.98 -11.80
N ALA B 440 8.40 4.77 -12.16
CA ALA B 440 8.85 4.07 -13.34
C ALA B 440 8.66 4.87 -14.62
N LEU B 441 7.44 5.37 -14.86
CA LEU B 441 7.13 6.17 -16.04
C LEU B 441 7.93 7.47 -16.11
N GLU B 442 8.21 8.07 -14.94
CA GLU B 442 8.99 9.29 -14.87
C GLU B 442 10.44 9.09 -15.31
N TYR B 443 11.02 7.96 -14.89
CA TYR B 443 12.42 7.67 -15.19
C TYR B 443 12.65 6.89 -16.49
N GLY B 444 11.57 6.57 -17.19
CA GLY B 444 11.64 5.81 -18.44
C GLY B 444 12.16 4.39 -18.19
N ALA B 445 11.85 3.89 -17.00
CA ALA B 445 12.25 2.57 -16.58
C ALA B 445 11.56 1.48 -17.38
N SER B 446 12.32 0.40 -17.56
CA SER B 446 11.83 -0.76 -18.28
C SER B 446 11.23 -1.81 -17.34
N ALA B 447 10.58 -2.80 -17.94
CA ALA B 447 10.03 -3.91 -17.21
C ALA B 447 11.10 -4.67 -16.41
N GLU B 448 12.34 -4.65 -16.91
CA GLU B 448 13.46 -5.29 -16.23
C GLU B 448 13.93 -4.48 -15.03
N ASP B 449 13.88 -3.13 -15.13
CA ASP B 449 14.30 -2.25 -14.05
C ASP B 449 13.50 -2.35 -12.78
N VAL B 450 12.22 -2.74 -12.89
CA VAL B 450 11.36 -2.93 -11.73
C VAL B 450 11.51 -4.37 -11.23
N ALA B 451 11.62 -5.32 -12.17
CA ALA B 451 11.79 -6.74 -11.85
C ALA B 451 13.09 -7.06 -11.10
N ARG B 452 14.08 -6.19 -11.24
CA ARG B 452 15.37 -6.33 -10.59
C ARG B 452 15.44 -5.74 -9.18
N VAL B 453 14.50 -4.84 -8.81
CA VAL B 453 14.47 -4.25 -7.48
C VAL B 453 13.90 -5.20 -6.47
N CYS B 454 14.56 -5.22 -5.32
CA CYS B 454 14.24 -6.13 -4.24
C CYS B 454 13.03 -5.64 -3.47
N HIS B 455 11.92 -6.31 -3.77
CA HIS B 455 10.66 -6.05 -3.10
C HIS B 455 10.55 -6.94 -1.88
N ALA B 456 10.14 -6.34 -0.75
CA ALA B 456 9.98 -7.06 0.51
C ALA B 456 9.00 -8.23 0.48
N HIS B 457 9.23 -9.25 1.32
CA HIS B 457 8.36 -10.41 1.38
C HIS B 457 7.76 -10.48 2.78
N PRO B 458 6.49 -10.88 2.98
CA PRO B 458 5.44 -10.92 1.97
C PRO B 458 4.70 -9.61 1.77
N THR B 459 4.69 -9.10 0.54
CA THR B 459 3.93 -7.89 0.26
C THR B 459 3.19 -8.01 -1.07
N LEU B 460 2.24 -7.10 -1.24
CA LEU B 460 1.48 -6.97 -2.46
C LEU B 460 2.35 -6.36 -3.54
N SER B 461 3.36 -5.56 -3.17
CA SER B 461 4.25 -4.91 -4.12
C SER B 461 5.03 -5.89 -4.98
N GLU B 462 5.17 -7.11 -4.47
CA GLU B 462 5.82 -8.19 -5.20
C GLU B 462 5.03 -8.55 -6.45
N ALA B 463 3.70 -8.38 -6.46
CA ALA B 463 2.87 -8.62 -7.63
C ALA B 463 3.14 -7.65 -8.76
N PHE B 464 3.63 -6.45 -8.38
CA PHE B 464 4.01 -5.44 -9.35
C PHE B 464 5.29 -5.87 -10.02
N LYS B 465 6.26 -6.29 -9.18
CA LYS B 465 7.56 -6.81 -9.60
C LYS B 465 7.43 -8.00 -10.56
N GLU B 466 6.61 -8.98 -10.16
CA GLU B 466 6.34 -10.19 -10.92
C GLU B 466 5.57 -9.93 -12.21
N ALA B 467 4.77 -8.86 -12.27
CA ALA B 467 4.08 -8.51 -13.50
C ALA B 467 5.01 -7.83 -14.51
N ASN B 468 5.98 -7.06 -14.00
CA ASN B 468 7.02 -6.44 -14.82
C ASN B 468 7.96 -7.50 -15.36
N MET B 469 8.23 -8.49 -14.50
CA MET B 469 9.09 -9.62 -14.78
C MET B 469 8.48 -10.45 -15.91
N ALA B 470 7.17 -10.68 -15.81
CA ALA B 470 6.43 -11.41 -16.82
C ALA B 470 6.29 -10.66 -18.13
N ALA B 471 6.39 -9.32 -18.10
CA ALA B 471 6.28 -8.50 -19.29
C ALA B 471 7.45 -8.67 -20.26
N TYR B 472 8.70 -8.66 -19.77
CA TYR B 472 9.84 -8.79 -20.65
C TYR B 472 10.40 -10.21 -20.73
N ASP B 473 10.18 -11.00 -19.68
CA ASP B 473 10.71 -12.36 -19.62
C ASP B 473 9.71 -13.35 -19.03
N LYS B 474 9.85 -13.75 -17.75
CA LYS B 474 9.00 -14.77 -17.16
C LYS B 474 8.94 -14.59 -15.64
N ALA B 475 7.72 -14.72 -15.12
CA ALA B 475 7.44 -14.60 -13.71
C ALA B 475 7.73 -15.87 -12.94
N ILE B 476 8.27 -15.69 -11.74
CA ILE B 476 8.61 -16.81 -10.90
C ILE B 476 7.44 -17.51 -10.26
N HIS B 477 6.35 -16.80 -9.98
CA HIS B 477 5.24 -17.40 -9.27
C HIS B 477 3.98 -17.72 -10.06
N CYS B 478 4.09 -17.67 -11.38
CA CYS B 478 2.99 -18.06 -12.27
C CYS B 478 3.52 -18.62 -13.59
#